data_1XK8
#
_entry.id   1XK8
#
_cell.length_a   70.157
_cell.length_b   89.517
_cell.length_c   125.847
_cell.angle_alpha   90.00
_cell.angle_beta   90.00
_cell.angle_gamma   90.00
#
_symmetry.space_group_name_H-M   'P 21 21 21'
#
loop_
_entity.id
_entity.type
_entity.pdbx_description
1 polymer 'Divalent cation tolerant protein CUTA'
2 non-polymer 'SODIUM ION'
#
_entity_poly.entity_id   1
_entity_poly.type   'polypeptide(L)'
_entity_poly.pdbx_seq_one_letter_code
;MGGSHHHHHHGMASGSPPTQPSPASDSGSGYVPGSVSAAFVTCPNEKVAKEIARAVVEKRLAACVNLIPQITSIYEWKGK
IEEDSEVLMMIKTQSSLVPALTDFVRSVHPYEVAEVIALPVEQGNFPYLQWVRQVTESVSDSITVLP
;
_entity_poly.pdbx_strand_id   A,B,C,D,E,F
#
loop_
_chem_comp.id
_chem_comp.type
_chem_comp.name
_chem_comp.formula
NA non-polymer 'SODIUM ION' 'Na 1'
#
# COMPACT_ATOMS: atom_id res chain seq x y z
N TYR A 31 5.53 -14.31 -5.40
CA TYR A 31 4.23 -13.55 -5.35
C TYR A 31 4.45 -12.05 -5.25
N VAL A 32 3.85 -11.30 -6.16
CA VAL A 32 3.90 -9.85 -6.13
C VAL A 32 2.84 -9.33 -5.17
N PRO A 33 3.26 -8.61 -4.10
CA PRO A 33 2.28 -8.05 -3.17
C PRO A 33 1.16 -7.26 -3.84
N GLY A 34 -0.07 -7.57 -3.46
CA GLY A 34 -1.25 -6.85 -3.91
C GLY A 34 -1.69 -7.18 -5.31
N SER A 35 -1.14 -8.23 -5.92
CA SER A 35 -1.51 -8.65 -7.28
C SER A 35 -2.74 -9.53 -7.29
N VAL A 36 -3.09 -10.08 -6.13
CA VAL A 36 -4.40 -10.69 -5.92
C VAL A 36 -5.19 -9.77 -5.01
N SER A 37 -6.49 -9.64 -5.27
CA SER A 37 -7.36 -8.79 -4.47
C SER A 37 -8.57 -9.55 -3.99
N ALA A 38 -9.15 -9.07 -2.87
CA ALA A 38 -10.43 -9.57 -2.36
C ALA A 38 -11.43 -8.46 -2.55
N ALA A 39 -12.38 -8.67 -3.43
CA ALA A 39 -13.38 -7.65 -3.75
C ALA A 39 -14.65 -7.93 -3.00
N PHE A 40 -15.27 -6.89 -2.46
CA PHE A 40 -16.52 -7.05 -1.73
C PHE A 40 -17.67 -6.46 -2.53
N VAL A 41 -18.73 -7.24 -2.69
CA VAL A 41 -19.92 -6.78 -3.42
C VAL A 41 -21.18 -7.07 -2.59
N THR A 42 -22.02 -6.06 -2.43
CA THR A 42 -23.29 -6.21 -1.70
C THR A 42 -24.44 -6.49 -2.66
N CYS A 43 -25.27 -7.47 -2.29
CA CYS A 43 -26.47 -7.84 -3.06
C CYS A 43 -27.72 -7.79 -2.23
N PRO A 44 -28.88 -7.54 -2.89
CA PRO A 44 -30.17 -7.51 -2.20
C PRO A 44 -30.62 -8.83 -1.59
N ASN A 45 -30.24 -9.96 -2.19
CA ASN A 45 -30.61 -11.29 -1.67
C ASN A 45 -29.67 -12.40 -2.15
N GLU A 46 -29.91 -13.62 -1.66
CA GLU A 46 -29.05 -14.77 -1.97
C GLU A 46 -29.14 -15.20 -3.45
N LYS A 47 -30.34 -15.13 -4.01
CA LYS A 47 -30.58 -15.50 -5.41
C LYS A 47 -29.67 -14.71 -6.37
N VAL A 48 -29.69 -13.39 -6.22
CA VAL A 48 -28.90 -12.50 -7.07
C VAL A 48 -27.43 -12.73 -6.84
N ALA A 49 -27.04 -12.83 -5.58
CA ALA A 49 -25.64 -13.04 -5.23
C ALA A 49 -25.10 -14.31 -5.88
N LYS A 50 -25.87 -15.40 -5.80
CA LYS A 50 -25.47 -16.67 -6.41
C LYS A 50 -25.35 -16.54 -7.92
N GLU A 51 -26.31 -15.89 -8.55
CA GLU A 51 -26.29 -15.70 -9.99
C GLU A 51 -25.02 -14.98 -10.42
N ILE A 52 -24.72 -13.89 -9.75
CA ILE A 52 -23.52 -13.12 -10.07
C ILE A 52 -22.25 -13.91 -9.76
N ALA A 53 -22.24 -14.57 -8.61
CA ALA A 53 -21.10 -15.39 -8.19
C ALA A 53 -20.79 -16.48 -9.22
N ARG A 54 -21.80 -17.23 -9.62
CA ARG A 54 -21.66 -18.27 -10.65
C ARG A 54 -21.11 -17.70 -11.95
N ALA A 55 -21.66 -16.57 -12.37
CA ALA A 55 -21.27 -15.93 -13.62
C ALA A 55 -19.79 -15.51 -13.64
N VAL A 56 -19.36 -14.77 -12.61
CA VAL A 56 -17.97 -14.28 -12.59
C VAL A 56 -16.94 -15.42 -12.60
N VAL A 57 -17.28 -16.52 -11.93
CA VAL A 57 -16.41 -17.70 -11.93
C VAL A 57 -16.43 -18.38 -13.31
N GLU A 58 -17.62 -18.57 -13.87
CA GLU A 58 -17.77 -19.19 -15.21
C GLU A 58 -17.08 -18.36 -16.28
N LYS A 59 -17.15 -17.04 -16.15
CA LYS A 59 -16.48 -16.12 -17.07
C LYS A 59 -14.98 -15.93 -16.76
N ARG A 60 -14.45 -16.64 -15.75
CA ARG A 60 -13.01 -16.58 -15.36
C ARG A 60 -12.56 -15.22 -14.79
N LEU A 61 -13.53 -14.40 -14.34
CA LEU A 61 -13.24 -13.07 -13.76
C LEU A 61 -12.89 -13.18 -12.28
N ALA A 62 -13.11 -14.35 -11.70
CA ALA A 62 -12.76 -14.60 -10.30
C ALA A 62 -12.43 -16.06 -10.09
N ALA A 63 -11.53 -16.33 -9.14
CA ALA A 63 -11.14 -17.70 -8.81
C ALA A 63 -12.20 -18.36 -8.00
N CYS A 64 -12.75 -17.62 -7.03
CA CYS A 64 -13.88 -18.09 -6.23
C CYS A 64 -14.54 -16.97 -5.43
N VAL A 65 -15.72 -17.27 -4.90
CA VAL A 65 -16.54 -16.29 -4.22
C VAL A 65 -17.07 -16.87 -2.92
N ASN A 66 -16.92 -16.12 -1.83
CA ASN A 66 -17.57 -16.48 -0.56
C ASN A 66 -18.81 -15.62 -0.35
N LEU A 67 -19.93 -16.25 -0.03
CA LEU A 67 -21.17 -15.53 0.24
C LEU A 67 -21.42 -15.46 1.73
N ILE A 68 -21.56 -14.25 2.24
CA ILE A 68 -21.86 -14.05 3.64
C ILE A 68 -23.30 -13.55 3.74
N PRO A 69 -24.21 -14.40 4.25
CA PRO A 69 -25.63 -14.05 4.29
C PRO A 69 -26.07 -13.37 5.59
N GLN A 70 -27.37 -13.05 5.67
CA GLN A 70 -27.99 -12.42 6.86
C GLN A 70 -27.32 -11.12 7.28
N ILE A 71 -27.02 -10.30 6.29
CA ILE A 71 -26.39 -9.02 6.52
C ILE A 71 -27.44 -7.94 6.65
N THR A 72 -27.19 -7.01 7.57
CA THR A 72 -28.03 -5.83 7.73
C THR A 72 -27.23 -4.61 7.28
N SER A 73 -27.69 -3.95 6.22
CA SER A 73 -27.03 -2.75 5.71
C SER A 73 -27.69 -1.52 6.27
N ILE A 74 -26.88 -0.56 6.71
CA ILE A 74 -27.38 0.67 7.30
C ILE A 74 -26.80 1.86 6.59
N TYR A 75 -27.66 2.64 5.96
CA TYR A 75 -27.26 3.79 5.15
C TYR A 75 -28.38 4.82 5.16
N GLU A 76 -28.11 5.99 4.60
CA GLU A 76 -29.11 7.08 4.55
C GLU A 76 -29.67 7.25 3.15
N TRP A 77 -30.95 7.58 3.09
CA TRP A 77 -31.68 7.61 1.85
C TRP A 77 -32.82 8.64 2.00
N LYS A 78 -32.80 9.68 1.19
CA LYS A 78 -33.73 10.82 1.36
C LYS A 78 -33.67 11.40 2.80
N GLY A 79 -32.46 11.52 3.35
CA GLY A 79 -32.28 12.04 4.70
C GLY A 79 -32.84 11.16 5.83
N LYS A 80 -33.20 9.91 5.51
CA LYS A 80 -33.77 8.96 6.49
C LYS A 80 -32.92 7.67 6.55
N ILE A 81 -32.66 7.14 7.76
CA ILE A 81 -31.74 6.00 7.89
C ILE A 81 -32.48 4.69 7.65
N GLU A 82 -32.03 3.94 6.65
CA GLU A 82 -32.67 2.69 6.25
C GLU A 82 -31.89 1.45 6.73
N GLU A 83 -32.62 0.36 6.92
CA GLU A 83 -32.04 -0.94 7.20
C GLU A 83 -32.59 -1.95 6.23
N ASP A 84 -31.70 -2.65 5.51
CA ASP A 84 -32.09 -3.68 4.55
C ASP A 84 -31.42 -5.01 4.84
N SER A 85 -32.06 -6.09 4.47
CA SER A 85 -31.41 -7.40 4.43
C SER A 85 -30.59 -7.48 3.14
N GLU A 86 -29.34 -7.91 3.26
CA GLU A 86 -28.46 -8.05 2.12
C GLU A 86 -27.57 -9.27 2.25
N VAL A 87 -26.86 -9.58 1.18
CA VAL A 87 -25.86 -10.65 1.18
C VAL A 87 -24.56 -10.05 0.68
N LEU A 88 -23.46 -10.47 1.27
CA LEU A 88 -22.17 -9.91 0.93
C LEU A 88 -21.30 -10.95 0.23
N MET A 89 -20.69 -10.55 -0.87
CA MET A 89 -19.78 -11.40 -1.62
C MET A 89 -18.36 -11.00 -1.33
N MET A 90 -17.51 -11.98 -1.00
CA MET A 90 -16.08 -11.79 -0.99
C MET A 90 -15.48 -12.53 -2.18
N ILE A 91 -15.08 -11.76 -3.20
CA ILE A 91 -14.64 -12.31 -4.47
C ILE A 91 -13.13 -12.24 -4.54
N LYS A 92 -12.49 -13.39 -4.73
CA LYS A 92 -11.04 -13.46 -4.77
C LYS A 92 -10.54 -13.60 -6.21
N THR A 93 -9.72 -12.66 -6.67
CA THR A 93 -9.29 -12.61 -8.06
C THR A 93 -7.96 -11.86 -8.26
N GLN A 94 -7.44 -11.89 -9.48
CA GLN A 94 -6.28 -11.04 -9.82
C GLN A 94 -6.66 -9.59 -9.71
N SER A 95 -5.72 -8.77 -9.29
CA SER A 95 -5.97 -7.34 -9.15
C SER A 95 -6.15 -6.71 -10.52
N SER A 96 -5.43 -7.22 -11.52
CA SER A 96 -5.55 -6.74 -12.91
C SER A 96 -6.95 -6.96 -13.49
N LEU A 97 -7.68 -7.93 -12.95
CA LEU A 97 -9.05 -8.21 -13.41
C LEU A 97 -10.15 -7.38 -12.74
N VAL A 98 -9.82 -6.63 -11.69
CA VAL A 98 -10.84 -5.92 -10.92
C VAL A 98 -11.68 -4.96 -11.77
N PRO A 99 -11.04 -4.19 -12.68
CA PRO A 99 -11.85 -3.35 -13.57
C PRO A 99 -12.85 -4.14 -14.42
N ALA A 100 -12.41 -5.27 -14.98
CA ALA A 100 -13.29 -6.13 -15.78
C ALA A 100 -14.38 -6.77 -14.89
N LEU A 101 -14.01 -7.14 -13.67
CA LEU A 101 -14.97 -7.68 -12.72
C LEU A 101 -16.05 -6.65 -12.40
N THR A 102 -15.62 -5.42 -12.16
CA THR A 102 -16.53 -4.34 -11.84
C THR A 102 -17.49 -4.04 -12.98
N ASP A 103 -16.96 -3.96 -14.20
CA ASP A 103 -17.81 -3.71 -15.39
C ASP A 103 -18.88 -4.77 -15.51
N PHE A 104 -18.51 -6.02 -15.34
CA PHE A 104 -19.48 -7.11 -15.39
C PHE A 104 -20.55 -6.97 -14.33
N VAL A 105 -20.13 -6.71 -13.09
CA VAL A 105 -21.05 -6.60 -11.97
C VAL A 105 -21.98 -5.43 -12.17
N ARG A 106 -21.44 -4.28 -12.48
CA ARG A 106 -22.28 -3.14 -12.74
C ARG A 106 -23.36 -3.50 -13.78
N SER A 107 -22.98 -4.28 -14.80
CA SER A 107 -23.91 -4.65 -15.89
C SER A 107 -25.06 -5.58 -15.45
N VAL A 108 -24.74 -6.60 -14.65
CA VAL A 108 -25.76 -7.56 -14.17
C VAL A 108 -26.46 -7.16 -12.84
N HIS A 109 -25.82 -6.27 -12.07
CA HIS A 109 -26.30 -5.91 -10.73
C HIS A 109 -27.60 -5.09 -10.79
N PRO A 110 -28.54 -5.37 -9.87
CA PRO A 110 -29.84 -4.70 -9.90
C PRO A 110 -29.73 -3.21 -9.61
N TYR A 111 -28.93 -2.86 -8.59
CA TYR A 111 -28.88 -1.48 -8.14
C TYR A 111 -28.31 -0.62 -9.24
N GLU A 112 -28.69 0.66 -9.19
CA GLU A 112 -28.12 1.64 -10.11
C GLU A 112 -26.62 1.81 -9.85
N VAL A 113 -26.25 1.98 -8.58
CA VAL A 113 -24.86 2.11 -8.17
C VAL A 113 -24.46 0.92 -7.29
N ALA A 114 -23.72 -0.02 -7.88
CA ALA A 114 -23.28 -1.25 -7.17
C ALA A 114 -22.05 -1.02 -6.31
N GLU A 115 -22.09 -1.53 -5.08
CA GLU A 115 -20.92 -1.55 -4.22
C GLU A 115 -19.92 -2.59 -4.71
N VAL A 116 -18.76 -2.12 -5.19
CA VAL A 116 -17.64 -2.99 -5.49
C VAL A 116 -16.39 -2.34 -4.98
N ILE A 117 -15.77 -2.95 -3.98
CA ILE A 117 -14.55 -2.45 -3.38
C ILE A 117 -13.52 -3.56 -3.31
N ALA A 118 -12.32 -3.28 -3.80
CA ALA A 118 -11.26 -4.28 -3.88
C ALA A 118 -10.16 -3.97 -2.88
N LEU A 119 -9.80 -4.97 -2.10
CA LEU A 119 -8.75 -4.84 -1.10
C LEU A 119 -7.57 -5.72 -1.49
N PRO A 120 -6.36 -5.16 -1.50
CA PRO A 120 -5.20 -5.90 -2.00
C PRO A 120 -4.65 -6.90 -0.97
N VAL A 121 -4.24 -8.06 -1.45
CA VAL A 121 -3.66 -9.08 -0.60
C VAL A 121 -2.14 -8.92 -0.59
N GLU A 122 -1.61 -8.52 0.56
CA GLU A 122 -0.18 -8.23 0.71
C GLU A 122 0.63 -9.53 0.85
N GLN A 123 0.11 -10.47 1.66
CA GLN A 123 0.77 -11.75 1.91
C GLN A 123 -0.27 -12.88 1.91
N GLY A 124 0.21 -14.13 1.85
CA GLY A 124 -0.68 -15.29 1.96
C GLY A 124 -0.04 -16.63 1.62
N ASN A 125 -0.88 -17.65 1.44
CA ASN A 125 -0.43 -18.99 1.04
C ASN A 125 -0.08 -18.99 -0.45
N PHE A 126 1.20 -19.03 -0.77
CA PHE A 126 1.65 -18.86 -2.15
C PHE A 126 0.96 -19.81 -3.15
N PRO A 127 0.95 -21.14 -2.88
CA PRO A 127 0.20 -22.06 -3.73
C PRO A 127 -1.22 -21.57 -4.05
N TYR A 128 -1.96 -21.12 -3.03
CA TYR A 128 -3.31 -20.64 -3.22
C TYR A 128 -3.34 -19.36 -4.06
N LEU A 129 -2.41 -18.44 -3.75
CA LEU A 129 -2.28 -17.20 -4.53
C LEU A 129 -1.92 -17.50 -5.99
N GLN A 130 -1.06 -18.49 -6.18
CA GLN A 130 -0.71 -19.00 -7.51
C GLN A 130 -1.94 -19.61 -8.21
N TRP A 131 -2.74 -20.35 -7.46
CA TRP A 131 -3.95 -20.95 -8.00
C TRP A 131 -4.98 -19.91 -8.48
N VAL A 132 -5.16 -18.83 -7.72
CA VAL A 132 -6.10 -17.75 -8.09
C VAL A 132 -5.68 -17.15 -9.43
N ARG A 133 -4.38 -17.00 -9.64
CA ARG A 133 -3.84 -16.53 -10.91
C ARG A 133 -4.05 -17.57 -12.02
N GLN A 134 -3.67 -18.83 -11.75
CA GLN A 134 -3.80 -19.93 -12.74
C GLN A 134 -5.20 -20.03 -13.32
N VAL A 135 -6.21 -20.04 -12.46
CA VAL A 135 -7.59 -20.23 -12.90
C VAL A 135 -8.26 -18.95 -13.46
N THR A 136 -7.56 -17.83 -13.50
CA THR A 136 -8.13 -16.59 -14.09
C THR A 136 -7.33 -16.04 -15.28
N GLU A 137 -6.24 -16.71 -15.67
CA GLU A 137 -5.44 -16.31 -16.84
C GLU A 137 -6.21 -16.43 -18.17
N TYR B 31 2.03 3.82 15.58
CA TYR B 31 1.65 2.62 14.77
C TYR B 31 2.17 2.70 13.35
N VAL B 32 2.90 1.67 12.93
CA VAL B 32 3.41 1.58 11.58
C VAL B 32 2.32 1.03 10.67
N PRO B 33 1.87 1.82 9.69
CA PRO B 33 0.86 1.33 8.76
C PRO B 33 1.17 -0.06 8.20
N GLY B 34 0.16 -0.94 8.23
CA GLY B 34 0.24 -2.25 7.61
C GLY B 34 1.05 -3.29 8.37
N SER B 35 1.44 -2.96 9.61
CA SER B 35 2.23 -3.87 10.47
C SER B 35 1.34 -4.86 11.23
N VAL B 36 0.03 -4.56 11.30
CA VAL B 36 -0.97 -5.55 11.70
C VAL B 36 -1.76 -5.93 10.44
N SER B 37 -2.11 -7.21 10.33
CA SER B 37 -2.90 -7.70 9.20
C SER B 37 -4.14 -8.43 9.67
N ALA B 38 -5.16 -8.46 8.81
CA ALA B 38 -6.33 -9.29 8.99
C ALA B 38 -6.27 -10.38 7.95
N ALA B 39 -6.07 -11.62 8.39
CA ALA B 39 -5.93 -12.75 7.48
C ALA B 39 -7.24 -13.50 7.42
N PHE B 40 -7.63 -13.89 6.21
CA PHE B 40 -8.88 -14.64 6.01
C PHE B 40 -8.59 -16.08 5.66
N VAL B 41 -9.22 -17.00 6.38
CA VAL B 41 -9.03 -18.44 6.13
C VAL B 41 -10.38 -19.14 6.04
N THR B 42 -10.55 -19.92 4.96
CA THR B 42 -11.78 -20.67 4.74
C THR B 42 -11.66 -22.09 5.27
N CYS B 43 -12.69 -22.53 6.01
CA CYS B 43 -12.74 -23.89 6.57
C CYS B 43 -14.01 -24.62 6.16
N PRO B 44 -13.96 -25.96 6.12
CA PRO B 44 -15.11 -26.79 5.71
C PRO B 44 -16.29 -26.74 6.67
N ASN B 45 -16.01 -26.53 7.96
CA ASN B 45 -17.04 -26.51 9.00
C ASN B 45 -16.59 -25.77 10.27
N GLU B 46 -17.51 -25.63 11.21
CA GLU B 46 -17.26 -24.91 12.47
C GLU B 46 -16.23 -25.59 13.36
N LYS B 47 -16.31 -26.93 13.44
CA LYS B 47 -15.40 -27.73 14.31
C LYS B 47 -13.95 -27.50 13.96
N VAL B 48 -13.63 -27.61 12.67
CA VAL B 48 -12.27 -27.40 12.18
C VAL B 48 -11.82 -25.96 12.40
N ALA B 49 -12.70 -25.01 12.06
CA ALA B 49 -12.38 -23.60 12.22
C ALA B 49 -12.04 -23.26 13.67
N LYS B 50 -12.85 -23.77 14.61
CA LYS B 50 -12.59 -23.55 16.04
C LYS B 50 -11.27 -24.19 16.49
N GLU B 51 -10.99 -25.41 16.02
CA GLU B 51 -9.74 -26.07 16.39
C GLU B 51 -8.54 -25.25 15.95
N ILE B 52 -8.57 -24.81 14.70
CA ILE B 52 -7.50 -23.99 14.13
C ILE B 52 -7.41 -22.65 14.86
N ALA B 53 -8.57 -22.03 15.09
CA ALA B 53 -8.65 -20.75 15.79
C ALA B 53 -8.02 -20.82 17.16
N ARG B 54 -8.45 -21.80 17.96
CA ARG B 54 -7.91 -21.99 19.30
C ARG B 54 -6.40 -22.23 19.26
N ALA B 55 -5.94 -23.03 18.30
CA ALA B 55 -4.51 -23.34 18.17
C ALA B 55 -3.66 -22.08 17.90
N VAL B 56 -4.02 -21.31 16.88
CA VAL B 56 -3.21 -20.12 16.50
C VAL B 56 -3.10 -19.10 17.63
N VAL B 57 -4.18 -18.96 18.42
CA VAL B 57 -4.17 -18.06 19.58
C VAL B 57 -3.29 -18.62 20.69
N GLU B 58 -3.47 -19.91 20.97
CA GLU B 58 -2.69 -20.61 21.99
C GLU B 58 -1.20 -20.61 21.66
N LYS B 59 -0.87 -20.76 20.38
CA LYS B 59 0.52 -20.72 19.90
C LYS B 59 1.04 -19.26 19.71
N ARG B 60 0.23 -18.26 20.05
CA ARG B 60 0.62 -16.84 19.94
C ARG B 60 0.83 -16.34 18.50
N LEU B 61 0.28 -17.09 17.52
CA LEU B 61 0.37 -16.70 16.10
C LEU B 61 -0.68 -15.66 15.69
N ALA B 62 -1.68 -15.46 16.56
CA ALA B 62 -2.72 -14.48 16.34
C ALA B 62 -3.20 -13.91 17.66
N ALA B 63 -3.65 -12.66 17.63
CA ALA B 63 -4.22 -12.00 18.81
C ALA B 63 -5.63 -12.49 19.06
N CYS B 64 -6.41 -12.61 17.99
CA CYS B 64 -7.75 -13.19 18.07
C CYS B 64 -8.30 -13.51 16.70
N VAL B 65 -9.40 -14.26 16.71
CA VAL B 65 -9.99 -14.76 15.50
C VAL B 65 -11.49 -14.55 15.56
N ASN B 66 -12.07 -14.01 14.49
CA ASN B 66 -13.52 -13.94 14.33
C ASN B 66 -13.98 -15.02 13.36
N LEU B 67 -15.00 -15.77 13.76
CA LEU B 67 -15.56 -16.83 12.91
C LEU B 67 -16.87 -16.38 12.33
N ILE B 68 -16.95 -16.40 10.99
CA ILE B 68 -18.17 -16.03 10.29
C ILE B 68 -18.76 -17.30 9.69
N PRO B 69 -19.92 -17.77 10.22
CA PRO B 69 -20.49 -19.04 9.79
C PRO B 69 -21.50 -18.89 8.66
N GLN B 70 -22.08 -20.02 8.25
CA GLN B 70 -23.14 -20.05 7.23
C GLN B 70 -22.67 -19.44 5.90
N ILE B 71 -21.43 -19.74 5.51
CA ILE B 71 -20.86 -19.25 4.28
C ILE B 71 -21.15 -20.23 3.14
N THR B 72 -21.46 -19.70 1.97
CA THR B 72 -21.58 -20.48 0.77
C THR B 72 -20.43 -20.14 -0.17
N SER B 73 -19.57 -21.11 -0.44
CA SER B 73 -18.43 -20.91 -1.34
C SER B 73 -18.77 -21.35 -2.75
N ILE B 74 -18.40 -20.53 -3.72
CA ILE B 74 -18.71 -20.79 -5.13
C ILE B 74 -17.43 -20.77 -5.97
N TYR B 75 -17.09 -21.93 -6.52
CA TYR B 75 -15.84 -22.10 -7.28
C TYR B 75 -16.05 -23.22 -8.33
N GLU B 76 -15.10 -23.40 -9.24
CA GLU B 76 -15.24 -24.43 -10.31
C GLU B 76 -14.47 -25.72 -9.98
N TRP B 77 -15.15 -26.86 -10.06
CA TRP B 77 -14.53 -28.14 -9.74
C TRP B 77 -14.83 -29.22 -10.78
N LYS B 78 -13.77 -29.75 -11.40
CA LYS B 78 -13.87 -30.75 -12.46
C LYS B 78 -14.91 -30.35 -13.53
N GLY B 79 -14.78 -29.11 -14.03
CA GLY B 79 -15.64 -28.61 -15.11
C GLY B 79 -16.93 -27.94 -14.68
N LYS B 80 -17.52 -28.38 -13.56
CA LYS B 80 -18.80 -27.85 -13.04
C LYS B 80 -18.58 -26.89 -11.87
N ILE B 81 -19.50 -25.95 -11.70
CA ILE B 81 -19.47 -24.96 -10.61
C ILE B 81 -20.05 -25.57 -9.34
N GLU B 82 -19.25 -25.59 -8.26
CA GLU B 82 -19.68 -26.21 -6.98
C GLU B 82 -20.11 -25.16 -5.95
N GLU B 83 -20.99 -25.57 -5.04
CA GLU B 83 -21.39 -24.77 -3.89
C GLU B 83 -21.20 -25.59 -2.63
N ASP B 84 -20.44 -25.07 -1.68
CA ASP B 84 -20.19 -25.76 -0.38
C ASP B 84 -20.55 -24.89 0.80
N SER B 85 -20.93 -25.52 1.91
CA SER B 85 -21.06 -24.85 3.19
C SER B 85 -19.65 -24.72 3.77
N GLU B 86 -19.31 -23.49 4.19
CA GLU B 86 -18.00 -23.21 4.76
C GLU B 86 -18.12 -22.26 5.93
N VAL B 87 -17.01 -22.10 6.66
CA VAL B 87 -16.90 -21.09 7.72
C VAL B 87 -15.66 -20.26 7.45
N LEU B 88 -15.77 -18.96 7.68
CA LEU B 88 -14.69 -18.02 7.36
C LEU B 88 -14.07 -17.45 8.63
N MET B 89 -12.74 -17.49 8.70
CA MET B 89 -12.01 -16.94 9.82
C MET B 89 -11.42 -15.62 9.43
N MET B 90 -11.62 -14.60 10.27
CA MET B 90 -10.85 -13.37 10.16
C MET B 90 -9.87 -13.31 11.33
N ILE B 91 -8.61 -13.52 11.01
CA ILE B 91 -7.55 -13.66 12.01
C ILE B 91 -6.77 -12.35 12.07
N LYS B 92 -6.69 -11.74 13.25
CA LYS B 92 -5.98 -10.47 13.41
C LYS B 92 -4.64 -10.71 14.09
N THR B 93 -3.56 -10.32 13.43
CA THR B 93 -2.21 -10.62 13.91
C THR B 93 -1.17 -9.64 13.35
N GLN B 94 0.06 -9.74 13.85
CA GLN B 94 1.17 -8.99 13.29
C GLN B 94 1.43 -9.44 11.85
N SER B 95 1.79 -8.50 11.00
CA SER B 95 2.05 -8.80 9.61
C SER B 95 3.30 -9.66 9.47
N SER B 96 4.27 -9.44 10.36
CA SER B 96 5.51 -10.26 10.42
C SER B 96 5.25 -11.73 10.75
N LEU B 97 4.12 -12.02 11.39
CA LEU B 97 3.75 -13.40 11.72
C LEU B 97 2.96 -14.14 10.64
N VAL B 98 2.52 -13.43 9.59
CA VAL B 98 1.66 -14.05 8.57
C VAL B 98 2.29 -15.30 7.92
N PRO B 99 3.61 -15.24 7.58
CA PRO B 99 4.23 -16.45 7.05
C PRO B 99 4.17 -17.64 8.03
N ALA B 100 4.45 -17.37 9.31
CA ALA B 100 4.39 -18.41 10.34
C ALA B 100 2.95 -18.91 10.54
N LEU B 101 2.00 -17.98 10.49
CA LEU B 101 0.57 -18.31 10.58
C LEU B 101 0.17 -19.24 9.43
N THR B 102 0.59 -18.88 8.23
CA THR B 102 0.27 -19.63 7.03
C THR B 102 0.83 -21.05 7.10
N ASP B 103 2.09 -21.18 7.50
CA ASP B 103 2.74 -22.50 7.66
C ASP B 103 1.95 -23.39 8.58
N PHE B 104 1.57 -22.83 9.73
CA PHE B 104 0.81 -23.59 10.70
C PHE B 104 -0.52 -24.06 10.12
N VAL B 105 -1.23 -23.14 9.47
CA VAL B 105 -2.53 -23.44 8.89
C VAL B 105 -2.37 -24.48 7.79
N ARG B 106 -1.46 -24.23 6.85
CA ARG B 106 -1.22 -25.17 5.74
C ARG B 106 -0.96 -26.56 6.28
N SER B 107 -0.17 -26.65 7.34
CA SER B 107 0.21 -27.94 7.94
C SER B 107 -0.98 -28.69 8.59
N VAL B 108 -1.86 -27.96 9.28
CA VAL B 108 -3.02 -28.57 9.95
C VAL B 108 -4.30 -28.65 9.09
N HIS B 109 -4.41 -27.80 8.07
CA HIS B 109 -5.68 -27.60 7.33
C HIS B 109 -6.07 -28.83 6.46
N PRO B 110 -7.34 -29.26 6.52
CA PRO B 110 -7.84 -30.37 5.70
C PRO B 110 -7.56 -30.25 4.21
N TYR B 111 -7.87 -29.11 3.61
CA TYR B 111 -7.71 -28.95 2.17
C TYR B 111 -6.23 -29.05 1.78
N GLU B 112 -5.96 -29.62 0.60
CA GLU B 112 -4.59 -29.68 0.07
C GLU B 112 -4.04 -28.27 -0.07
N VAL B 113 -4.84 -27.38 -0.67
CA VAL B 113 -4.46 -25.96 -0.82
C VAL B 113 -5.39 -25.06 0.00
N ALA B 114 -4.88 -24.59 1.13
CA ALA B 114 -5.66 -23.74 2.05
C ALA B 114 -5.71 -22.28 1.60
N GLU B 115 -6.90 -21.68 1.66
CA GLU B 115 -7.02 -20.24 1.44
C GLU B 115 -6.47 -19.50 2.66
N VAL B 116 -5.40 -18.76 2.46
CA VAL B 116 -4.92 -17.82 3.47
C VAL B 116 -4.55 -16.54 2.75
N ILE B 117 -5.30 -15.48 3.02
CA ILE B 117 -5.02 -14.18 2.42
C ILE B 117 -4.97 -13.11 3.51
N ALA B 118 -3.92 -12.30 3.50
CA ALA B 118 -3.68 -11.31 4.52
C ALA B 118 -3.87 -9.92 3.96
N LEU B 119 -4.68 -9.12 4.65
CA LEU B 119 -4.94 -7.76 4.25
C LEU B 119 -4.37 -6.80 5.30
N PRO B 120 -3.58 -5.80 4.86
CA PRO B 120 -2.88 -4.96 5.81
C PRO B 120 -3.78 -3.87 6.40
N VAL B 121 -3.60 -3.61 7.70
CA VAL B 121 -4.37 -2.58 8.38
C VAL B 121 -3.63 -1.27 8.33
N GLU B 122 -4.17 -0.31 7.59
CA GLU B 122 -3.50 0.99 7.34
C GLU B 122 -3.69 1.92 8.56
N GLN B 123 -4.90 1.93 9.13
CA GLN B 123 -5.24 2.77 10.29
C GLN B 123 -6.12 2.00 11.26
N GLY B 124 -6.26 2.52 12.49
CA GLY B 124 -7.15 1.91 13.48
C GLY B 124 -7.06 2.47 14.88
N ASN B 125 -7.64 1.76 15.84
CA ASN B 125 -7.56 2.12 17.25
C ASN B 125 -6.20 1.74 17.81
N PHE B 126 -5.34 2.72 18.05
CA PHE B 126 -3.93 2.46 18.42
C PHE B 126 -3.77 1.49 19.60
N PRO B 127 -4.51 1.74 20.70
CA PRO B 127 -4.47 0.79 21.84
C PRO B 127 -4.72 -0.68 21.41
N TYR B 128 -5.73 -0.89 20.59
CA TYR B 128 -6.05 -2.23 20.11
C TYR B 128 -4.95 -2.77 19.21
N LEU B 129 -4.45 -1.92 18.31
CA LEU B 129 -3.33 -2.29 17.43
C LEU B 129 -2.06 -2.61 18.25
N GLN B 130 -1.84 -1.83 19.30
CA GLN B 130 -0.75 -2.11 20.27
C GLN B 130 -0.97 -3.43 21.01
N TRP B 131 -2.23 -3.70 21.36
CA TRP B 131 -2.60 -4.95 22.02
C TRP B 131 -2.33 -6.19 21.16
N VAL B 132 -2.66 -6.10 19.86
CA VAL B 132 -2.41 -7.20 18.93
C VAL B 132 -0.93 -7.55 18.88
N ARG B 133 -0.09 -6.53 18.92
CA ARG B 133 1.38 -6.72 18.96
C ARG B 133 1.80 -7.31 20.31
N GLN B 134 1.34 -6.68 21.41
CA GLN B 134 1.71 -7.11 22.76
C GLN B 134 1.51 -8.62 22.97
N VAL B 135 0.32 -9.11 22.62
CA VAL B 135 -0.04 -10.53 22.86
C VAL B 135 0.51 -11.52 21.80
N THR B 136 1.26 -11.04 20.82
CA THR B 136 1.89 -11.93 19.83
C THR B 136 3.41 -11.88 19.82
N GLU B 137 4.03 -11.01 20.64
CA GLU B 137 5.51 -10.89 20.71
C GLU B 137 6.18 -12.15 21.26
N TYR C 31 -10.37 8.55 -9.07
CA TYR C 31 -10.29 7.93 -7.71
C TYR C 31 -8.88 7.78 -7.24
N VAL C 32 -8.59 8.32 -6.07
CA VAL C 32 -7.27 8.15 -5.45
C VAL C 32 -7.24 6.84 -4.67
N PRO C 33 -6.35 5.91 -5.07
CA PRO C 33 -6.25 4.65 -4.35
C PRO C 33 -6.14 4.82 -2.85
N GLY C 34 -6.93 4.05 -2.11
CA GLY C 34 -6.84 3.99 -0.66
C GLY C 34 -7.46 5.16 0.08
N SER C 35 -8.18 6.04 -0.65
CA SER C 35 -8.82 7.22 -0.04
C SER C 35 -10.22 6.90 0.52
N VAL C 36 -10.76 5.74 0.14
CA VAL C 36 -11.89 5.15 0.84
C VAL C 36 -11.37 3.93 1.58
N SER C 37 -11.88 3.70 2.80
CA SER C 37 -11.50 2.54 3.60
C SER C 37 -12.71 1.74 4.04
N ALA C 38 -12.47 0.47 4.32
CA ALA C 38 -13.45 -0.40 4.95
C ALA C 38 -12.97 -0.70 6.35
N ALA C 39 -13.67 -0.17 7.35
CA ALA C 39 -13.28 -0.34 8.74
C ALA C 39 -14.08 -1.46 9.39
N PHE C 40 -13.41 -2.30 10.16
CA PHE C 40 -14.07 -3.40 10.86
C PHE C 40 -14.17 -3.13 12.33
N VAL C 41 -15.37 -3.26 12.89
CA VAL C 41 -15.59 -3.05 14.31
C VAL C 41 -16.37 -4.21 14.90
N THR C 42 -15.86 -4.75 16.00
CA THR C 42 -16.51 -5.85 16.71
C THR C 42 -17.39 -5.33 17.85
N CYS C 43 -18.62 -5.87 17.93
CA CYS C 43 -19.56 -5.53 18.98
C CYS C 43 -20.03 -6.76 19.76
N PRO C 44 -20.43 -6.58 21.03
CA PRO C 44 -20.93 -7.68 21.85
C PRO C 44 -22.28 -8.28 21.37
N ASN C 45 -23.13 -7.46 20.73
CA ASN C 45 -24.44 -7.91 20.27
C ASN C 45 -25.02 -7.02 19.17
N GLU C 46 -26.17 -7.43 18.63
CA GLU C 46 -26.83 -6.73 17.52
C GLU C 46 -27.33 -5.33 17.91
N LYS C 47 -27.90 -5.21 19.11
CA LYS C 47 -28.46 -3.93 19.59
C LYS C 47 -27.40 -2.82 19.59
N VAL C 48 -26.25 -3.10 20.19
CA VAL C 48 -25.16 -2.13 20.28
C VAL C 48 -24.63 -1.80 18.87
N ALA C 49 -24.41 -2.84 18.07
CA ALA C 49 -23.90 -2.66 16.71
C ALA C 49 -24.82 -1.72 15.91
N LYS C 50 -26.13 -1.95 16.00
CA LYS C 50 -27.11 -1.11 15.32
C LYS C 50 -27.07 0.33 15.80
N GLU C 51 -27.00 0.52 17.11
CA GLU C 51 -26.94 1.87 17.69
C GLU C 51 -25.74 2.62 17.14
N ILE C 52 -24.58 1.96 17.16
CA ILE C 52 -23.34 2.56 16.67
C ILE C 52 -23.43 2.83 15.16
N ALA C 53 -23.93 1.84 14.43
CA ALA C 53 -24.09 1.93 12.98
C ALA C 53 -24.97 3.12 12.61
N ARG C 54 -26.14 3.22 13.23
CA ARG C 54 -27.05 4.33 12.96
C ARG C 54 -26.39 5.67 13.26
N ALA C 55 -25.68 5.73 14.37
CA ALA C 55 -25.02 6.95 14.81
C ALA C 55 -23.96 7.44 13.80
N VAL C 56 -23.04 6.56 13.40
CA VAL C 56 -21.95 6.98 12.51
C VAL C 56 -22.48 7.47 11.16
N VAL C 57 -23.56 6.85 10.68
CA VAL C 57 -24.19 7.28 9.44
C VAL C 57 -24.92 8.61 9.62
N GLU C 58 -25.69 8.76 10.71
CA GLU C 58 -26.40 10.04 10.97
C GLU C 58 -25.42 11.19 11.19
N LYS C 59 -24.28 10.88 11.81
CA LYS C 59 -23.21 11.86 12.04
C LYS C 59 -22.31 12.11 10.79
N ARG C 60 -22.62 11.43 9.69
CA ARG C 60 -21.85 11.54 8.43
C ARG C 60 -20.38 11.06 8.53
N LEU C 61 -20.08 10.21 9.52
CA LEU C 61 -18.74 9.62 9.69
C LEU C 61 -18.56 8.37 8.82
N ALA C 62 -19.65 7.88 8.25
CA ALA C 62 -19.59 6.73 7.35
C ALA C 62 -20.71 6.79 6.31
N ALA C 63 -20.45 6.24 5.12
CA ALA C 63 -21.44 6.20 4.05
C ALA C 63 -22.47 5.12 4.31
N CYS C 64 -22.01 3.96 4.77
CA CYS C 64 -22.89 2.90 5.19
C CYS C 64 -22.14 1.81 5.94
N VAL C 65 -22.92 0.93 6.57
CA VAL C 65 -22.38 -0.09 7.42
C VAL C 65 -23.06 -1.42 7.14
N ASN C 66 -22.27 -2.47 7.00
CA ASN C 66 -22.79 -3.81 6.88
C ASN C 66 -22.58 -4.54 8.21
N LEU C 67 -23.63 -5.17 8.71
CA LEU C 67 -23.59 -5.94 9.96
C LEU C 67 -23.53 -7.40 9.68
N ILE C 68 -22.49 -8.07 10.16
CA ILE C 68 -22.36 -9.50 10.00
C ILE C 68 -22.59 -10.15 11.36
N PRO C 69 -23.73 -10.85 11.55
CA PRO C 69 -24.06 -11.43 12.85
C PRO C 69 -23.55 -12.86 13.05
N GLN C 70 -23.86 -13.43 14.21
CA GLN C 70 -23.54 -14.82 14.54
C GLN C 70 -22.05 -15.09 14.49
N ILE C 71 -21.26 -14.13 14.97
CA ILE C 71 -19.81 -14.24 14.99
C ILE C 71 -19.36 -14.92 16.29
N THR C 72 -18.36 -15.79 16.18
CA THR C 72 -17.70 -16.36 17.36
C THR C 72 -16.29 -15.77 17.45
N SER C 73 -16.02 -15.01 18.51
CA SER C 73 -14.70 -14.42 18.68
C SER C 73 -13.86 -15.29 19.61
N ILE C 74 -12.61 -15.53 19.24
CA ILE C 74 -11.71 -16.39 20.01
C ILE C 74 -10.42 -15.65 20.33
N TYR C 75 -10.20 -15.42 21.62
CA TYR C 75 -9.04 -14.67 22.11
C TYR C 75 -8.65 -15.19 23.49
N GLU C 76 -7.44 -14.80 23.93
CA GLU C 76 -6.94 -15.11 25.27
C GLU C 76 -7.08 -13.91 26.19
N TRP C 77 -7.05 -14.20 27.47
CA TRP C 77 -7.23 -13.24 28.54
C TRP C 77 -6.75 -13.97 29.78
N LYS C 78 -5.70 -13.45 30.41
CA LYS C 78 -5.04 -14.13 31.52
C LYS C 78 -4.64 -15.58 31.16
N GLY C 79 -4.18 -15.78 29.92
CA GLY C 79 -3.67 -17.09 29.47
C GLY C 79 -4.70 -18.20 29.26
N LYS C 80 -5.99 -17.84 29.28
CA LYS C 80 -7.08 -18.81 29.05
C LYS C 80 -7.89 -18.38 27.83
N ILE C 81 -8.40 -19.34 27.06
CA ILE C 81 -9.01 -19.02 25.78
C ILE C 81 -10.53 -18.90 25.87
N GLU C 82 -11.04 -17.71 25.52
CA GLU C 82 -12.48 -17.39 25.57
C GLU C 82 -13.17 -17.50 24.22
N GLU C 83 -14.46 -17.81 24.24
CA GLU C 83 -15.32 -17.73 23.05
C GLU C 83 -16.55 -16.90 23.39
N ASP C 84 -16.81 -15.86 22.60
CA ASP C 84 -17.98 -15.00 22.79
C ASP C 84 -18.80 -14.88 21.53
N SER C 85 -20.09 -14.64 21.68
CA SER C 85 -20.95 -14.23 20.58
C SER C 85 -20.75 -12.74 20.31
N GLU C 86 -20.51 -12.40 19.05
CA GLU C 86 -20.28 -11.03 18.66
C GLU C 86 -20.98 -10.71 17.35
N VAL C 87 -20.98 -9.43 17.00
CA VAL C 87 -21.43 -8.97 15.71
C VAL C 87 -20.32 -8.13 15.12
N LEU C 88 -20.10 -8.24 13.82
CA LEU C 88 -19.01 -7.54 13.14
C LEU C 88 -19.59 -6.49 12.21
N MET C 89 -19.04 -5.29 12.29
CA MET C 89 -19.44 -4.19 11.41
C MET C 89 -18.38 -4.01 10.35
N MET C 90 -18.82 -3.88 9.10
CA MET C 90 -17.97 -3.41 8.04
C MET C 90 -18.43 -2.02 7.65
N ILE C 91 -17.66 -1.02 8.03
CA ILE C 91 -18.03 0.36 7.85
C ILE C 91 -17.27 0.93 6.67
N LYS C 92 -17.98 1.47 5.70
CA LYS C 92 -17.37 2.01 4.49
C LYS C 92 -17.36 3.55 4.56
N THR C 93 -16.18 4.16 4.49
CA THR C 93 -16.04 5.62 4.68
C THR C 93 -14.77 6.19 4.03
N GLN C 94 -14.64 7.52 4.02
CA GLN C 94 -13.39 8.16 3.61
C GLN C 94 -12.28 7.77 4.56
N SER C 95 -11.09 7.61 4.02
CA SER C 95 -9.96 7.23 4.84
C SER C 95 -9.56 8.39 5.75
N SER C 96 -9.76 9.62 5.29
CA SER C 96 -9.53 10.83 6.11
C SER C 96 -10.40 10.88 7.36
N LEU C 97 -11.58 10.25 7.32
CA LEU C 97 -12.49 10.23 8.47
C LEU C 97 -12.23 9.12 9.48
N VAL C 98 -11.32 8.21 9.18
CA VAL C 98 -11.09 7.06 10.04
C VAL C 98 -10.70 7.44 11.49
N PRO C 99 -9.81 8.44 11.65
CA PRO C 99 -9.52 8.89 13.02
C PRO C 99 -10.78 9.42 13.76
N ALA C 100 -11.60 10.22 13.07
CA ALA C 100 -12.83 10.74 13.65
C ALA C 100 -13.82 9.63 13.95
N LEU C 101 -13.89 8.64 13.04
CA LEU C 101 -14.74 7.46 13.22
C LEU C 101 -14.32 6.69 14.46
N THR C 102 -13.02 6.47 14.59
CA THR C 102 -12.47 5.71 15.70
C THR C 102 -12.73 6.42 17.04
N ASP C 103 -12.52 7.75 17.09
CA ASP C 103 -12.82 8.53 18.31
C ASP C 103 -14.25 8.38 18.74
N PHE C 104 -15.17 8.50 17.80
CA PHE C 104 -16.58 8.33 18.12
C PHE C 104 -16.86 6.92 18.66
N VAL C 105 -16.35 5.91 17.99
CA VAL C 105 -16.61 4.53 18.40
C VAL C 105 -16.02 4.27 19.78
N ARG C 106 -14.78 4.69 20.03
CA ARG C 106 -14.22 4.69 21.41
C ARG C 106 -15.23 5.21 22.40
N SER C 107 -15.77 6.40 22.12
CA SER C 107 -16.63 7.08 23.07
C SER C 107 -17.85 6.24 23.49
N VAL C 108 -18.49 5.56 22.55
CA VAL C 108 -19.77 4.85 22.83
C VAL C 108 -19.68 3.33 23.04
N HIS C 109 -18.53 2.74 22.74
CA HIS C 109 -18.40 1.27 22.79
C HIS C 109 -18.21 0.75 24.23
N PRO C 110 -19.07 -0.19 24.66
CA PRO C 110 -18.96 -0.90 25.95
C PRO C 110 -17.57 -1.46 26.33
N TYR C 111 -16.76 -1.87 25.36
CA TYR C 111 -15.42 -2.39 25.66
C TYR C 111 -14.46 -1.26 25.98
N GLU C 112 -13.58 -1.51 26.93
CA GLU C 112 -12.53 -0.57 27.28
C GLU C 112 -11.69 -0.29 26.04
N VAL C 113 -11.23 -1.36 25.38
CA VAL C 113 -10.42 -1.26 24.14
C VAL C 113 -11.20 -1.83 22.93
N ALA C 114 -11.74 -0.91 22.11
CA ALA C 114 -12.57 -1.25 20.96
C ALA C 114 -11.72 -1.68 19.75
N GLU C 115 -12.09 -2.79 19.11
CA GLU C 115 -11.47 -3.17 17.83
C GLU C 115 -11.96 -2.22 16.75
N VAL C 116 -11.05 -1.43 16.19
CA VAL C 116 -11.34 -0.68 14.97
C VAL C 116 -10.13 -0.80 14.07
N ILE C 117 -10.29 -1.48 12.94
CA ILE C 117 -9.22 -1.65 11.97
C ILE C 117 -9.71 -1.25 10.59
N ALA C 118 -8.92 -0.43 9.91
CA ALA C 118 -9.31 0.15 8.63
C ALA C 118 -8.45 -0.42 7.52
N LEU C 119 -9.11 -0.91 6.47
CA LEU C 119 -8.43 -1.49 5.32
C LEU C 119 -8.69 -0.63 4.10
N PRO C 120 -7.63 -0.26 3.36
CA PRO C 120 -7.77 0.72 2.30
C PRO C 120 -8.29 0.08 1.03
N VAL C 121 -9.14 0.79 0.33
CA VAL C 121 -9.72 0.31 -0.92
C VAL C 121 -8.87 0.79 -2.09
N GLU C 122 -8.20 -0.16 -2.75
CA GLU C 122 -7.24 0.14 -3.82
C GLU C 122 -7.98 0.46 -5.14
N GLN C 123 -8.99 -0.36 -5.44
CA GLN C 123 -9.81 -0.22 -6.65
C GLN C 123 -11.29 -0.47 -6.34
N GLY C 124 -12.16 -0.13 -7.29
CA GLY C 124 -13.57 -0.41 -7.15
C GLY C 124 -14.48 0.26 -8.18
N ASN C 125 -15.79 0.27 -7.89
CA ASN C 125 -16.77 0.93 -8.73
C ASN C 125 -16.72 2.43 -8.46
N PHE C 126 -16.20 3.19 -9.43
CA PHE C 126 -15.94 4.62 -9.21
C PHE C 126 -17.17 5.41 -8.73
N PRO C 127 -18.31 5.31 -9.46
CA PRO C 127 -19.55 5.92 -8.96
C PRO C 127 -19.78 5.66 -7.46
N TYR C 128 -19.69 4.41 -7.03
CA TYR C 128 -19.93 4.06 -5.63
C TYR C 128 -18.87 4.69 -4.72
N LEU C 129 -17.61 4.64 -5.14
CA LEU C 129 -16.51 5.28 -4.39
C LEU C 129 -16.71 6.79 -4.30
N GLN C 130 -17.20 7.38 -5.39
CA GLN C 130 -17.57 8.80 -5.44
C GLN C 130 -18.73 9.08 -4.49
N TRP C 131 -19.70 8.17 -4.46
CA TRP C 131 -20.84 8.29 -3.56
C TRP C 131 -20.43 8.28 -2.09
N VAL C 132 -19.52 7.40 -1.72
CA VAL C 132 -19.04 7.31 -0.33
C VAL C 132 -18.43 8.64 0.09
N ARG C 133 -17.71 9.28 -0.82
CA ARG C 133 -17.15 10.60 -0.56
C ARG C 133 -18.26 11.66 -0.47
N GLN C 134 -19.15 11.69 -1.46
CA GLN C 134 -20.23 12.70 -1.52
C GLN C 134 -21.02 12.76 -0.21
N VAL C 135 -21.47 11.61 0.30
CA VAL C 135 -22.32 11.58 1.50
C VAL C 135 -21.56 11.70 2.83
N THR C 136 -20.23 11.86 2.79
CA THR C 136 -19.46 12.10 4.03
C THR C 136 -18.71 13.43 4.06
N GLU C 137 -18.79 14.23 2.99
CA GLU C 137 -18.12 15.54 2.92
C GLU C 137 -18.72 16.54 3.92
N TYR D 31 -5.35 1.55 -15.13
CA TYR D 31 -4.06 1.25 -14.41
C TYR D 31 -4.29 0.68 -13.04
N VAL D 32 -3.68 -0.48 -12.78
CA VAL D 32 -3.74 -1.10 -11.47
C VAL D 32 -2.68 -0.48 -10.57
N PRO D 33 -3.11 0.14 -9.45
CA PRO D 33 -2.15 0.75 -8.54
C PRO D 33 -1.03 -0.20 -8.14
N GLY D 34 0.20 0.30 -8.21
CA GLY D 34 1.38 -0.43 -7.75
C GLY D 34 1.85 -1.54 -8.65
N SER D 35 1.32 -1.61 -9.88
CA SER D 35 1.70 -2.63 -10.86
C SER D 35 2.94 -2.21 -11.66
N VAL D 36 3.27 -0.93 -11.61
CA VAL D 36 4.58 -0.44 -12.04
C VAL D 36 5.35 -0.05 -10.79
N SER D 37 6.65 -0.32 -10.80
CA SER D 37 7.52 0.03 -9.68
C SER D 37 8.70 0.87 -10.14
N ALA D 38 9.25 1.65 -9.21
CA ALA D 38 10.52 2.34 -9.41
C ALA D 38 11.55 1.68 -8.48
N ALA D 39 12.50 0.98 -9.05
CA ALA D 39 13.49 0.23 -8.29
C ALA D 39 14.78 1.04 -8.21
N PHE D 40 15.38 1.08 -7.03
CA PHE D 40 16.61 1.82 -6.82
C PHE D 40 17.78 0.88 -6.63
N VAL D 41 18.84 1.09 -7.39
CA VAL D 41 20.04 0.27 -7.30
C VAL D 41 21.29 1.13 -7.20
N THR D 42 22.12 0.85 -6.20
CA THR D 42 23.36 1.60 -5.99
C THR D 42 24.53 0.88 -6.66
N CYS D 43 25.36 1.65 -7.37
CA CYS D 43 26.55 1.15 -8.06
C CYS D 43 27.81 1.90 -7.63
N PRO D 44 28.98 1.21 -7.68
CA PRO D 44 30.28 1.83 -7.33
C PRO D 44 30.68 3.00 -8.22
N ASN D 45 30.30 2.95 -9.51
CA ASN D 45 30.71 3.96 -10.49
C ASN D 45 29.78 4.06 -11.69
N GLU D 46 30.02 5.06 -12.54
CA GLU D 46 29.19 5.29 -13.75
C GLU D 46 29.27 4.14 -14.76
N LYS D 47 30.48 3.62 -14.97
CA LYS D 47 30.73 2.56 -15.94
C LYS D 47 29.83 1.37 -15.67
N VAL D 48 29.87 0.87 -14.43
CA VAL D 48 29.09 -0.31 -14.03
C VAL D 48 27.60 -0.04 -14.11
N ALA D 49 27.20 1.13 -13.63
CA ALA D 49 25.79 1.54 -13.68
C ALA D 49 25.25 1.52 -15.11
N LYS D 50 26.02 2.10 -16.04
CA LYS D 50 25.66 2.12 -17.47
C LYS D 50 25.56 0.70 -18.05
N GLU D 51 26.54 -0.14 -17.75
CA GLU D 51 26.52 -1.52 -18.24
C GLU D 51 25.26 -2.22 -17.79
N ILE D 52 24.96 -2.13 -16.50
CA ILE D 52 23.76 -2.79 -15.95
C ILE D 52 22.47 -2.16 -16.53
N ALA D 53 22.45 -0.83 -16.60
CA ALA D 53 21.32 -0.10 -17.16
C ALA D 53 21.02 -0.55 -18.60
N ARG D 54 22.04 -0.55 -19.45
CA ARG D 54 21.91 -1.00 -20.84
C ARG D 54 21.38 -2.43 -20.91
N ALA D 55 21.94 -3.30 -20.07
CA ALA D 55 21.57 -4.71 -20.07
C ALA D 55 20.10 -4.92 -19.72
N VAL D 56 19.63 -4.34 -18.60
CA VAL D 56 18.24 -4.55 -18.17
C VAL D 56 17.22 -4.06 -19.20
N VAL D 57 17.54 -2.98 -19.89
CA VAL D 57 16.67 -2.46 -20.96
C VAL D 57 16.70 -3.40 -22.17
N GLU D 58 17.91 -3.79 -22.58
CA GLU D 58 18.08 -4.69 -23.72
C GLU D 58 17.40 -6.04 -23.48
N LYS D 59 17.46 -6.51 -22.23
CA LYS D 59 16.80 -7.77 -21.82
C LYS D 59 15.29 -7.59 -21.52
N ARG D 60 14.76 -6.38 -21.72
CA ARG D 60 13.31 -6.08 -21.50
C ARG D 60 12.88 -6.21 -20.01
N LEU D 61 13.83 -6.16 -19.09
CA LEU D 61 13.54 -6.24 -17.66
C LEU D 61 13.14 -4.87 -17.08
N ALA D 62 13.36 -3.80 -17.86
CA ALA D 62 12.97 -2.46 -17.46
C ALA D 62 12.65 -1.63 -18.68
N ALA D 63 11.75 -0.67 -18.50
CA ALA D 63 11.36 0.23 -19.57
C ALA D 63 12.42 1.29 -19.78
N CYS D 64 12.94 1.82 -18.67
CA CYS D 64 14.03 2.78 -18.73
C CYS D 64 14.69 2.96 -17.37
N VAL D 65 15.87 3.58 -17.39
CA VAL D 65 16.65 3.79 -16.19
C VAL D 65 17.16 5.22 -16.14
N ASN D 66 17.03 5.85 -14.98
CA ASN D 66 17.66 7.13 -14.74
C ASN D 66 18.86 6.93 -13.86
N LEU D 67 19.97 7.53 -14.25
CA LEU D 67 21.21 7.46 -13.48
C LEU D 67 21.47 8.78 -12.76
N ILE D 68 21.58 8.70 -11.44
CA ILE D 68 21.87 9.87 -10.62
C ILE D 68 23.31 9.76 -10.13
N PRO D 69 24.21 10.61 -10.65
CA PRO D 69 25.64 10.51 -10.30
C PRO D 69 26.05 11.38 -9.10
N GLN D 70 27.34 11.30 -8.75
CA GLN D 70 27.92 12.10 -7.66
C GLN D 70 27.22 11.85 -6.32
N ILE D 71 26.94 10.59 -6.04
CA ILE D 71 26.32 10.20 -4.79
C ILE D 71 27.39 9.86 -3.76
N THR D 72 27.16 10.28 -2.52
CA THR D 72 27.99 9.88 -1.39
C THR D 72 27.20 8.91 -0.52
N SER D 73 27.67 7.66 -0.42
CA SER D 73 27.02 6.65 0.43
C SER D 73 27.66 6.59 1.79
N ILE D 74 26.83 6.56 2.83
CA ILE D 74 27.32 6.58 4.22
C ILE D 74 26.74 5.39 4.98
N TYR D 75 27.62 4.48 5.38
CA TYR D 75 27.25 3.24 6.05
C TYR D 75 28.39 2.84 7.00
N GLU D 76 28.16 1.87 7.88
CA GLU D 76 29.26 1.34 8.74
C GLU D 76 30.02 0.20 8.05
N TRP D 77 31.35 0.28 8.07
CA TRP D 77 32.24 -0.69 7.38
C TRP D 77 32.98 -1.62 8.35
N LYS D 78 32.24 -2.15 9.32
CA LYS D 78 32.80 -3.01 10.36
C LYS D 78 33.63 -2.18 11.37
N GLY D 79 32.95 -1.34 12.16
CA GLY D 79 33.61 -0.51 13.19
C GLY D 79 33.77 0.95 12.78
N LYS D 80 34.17 1.18 11.53
CA LYS D 80 34.24 2.53 10.98
C LYS D 80 32.92 2.91 10.25
N ILE D 81 32.60 4.20 10.25
CA ILE D 81 31.64 4.76 9.31
C ILE D 81 32.37 5.15 8.02
N GLU D 82 31.93 4.58 6.89
CA GLU D 82 32.59 4.78 5.59
C GLU D 82 31.83 5.78 4.70
N GLU D 83 32.57 6.44 3.80
CA GLU D 83 32.00 7.27 2.76
C GLU D 83 32.55 6.82 1.42
N ASP D 84 31.67 6.51 0.46
CA ASP D 84 32.09 6.12 -0.90
C ASP D 84 31.41 6.97 -1.96
N SER D 85 32.07 7.13 -3.09
CA SER D 85 31.43 7.68 -4.27
C SER D 85 30.65 6.58 -4.97
N GLU D 86 29.38 6.88 -5.28
CA GLU D 86 28.49 5.90 -5.90
C GLU D 86 27.61 6.56 -6.95
N VAL D 87 26.92 5.72 -7.71
CA VAL D 87 25.92 6.16 -8.68
C VAL D 87 24.62 5.45 -8.36
N LEU D 88 23.51 6.17 -8.47
CA LEU D 88 22.21 5.62 -8.13
C LEU D 88 21.36 5.45 -9.39
N MET D 89 20.79 4.25 -9.54
CA MET D 89 19.89 3.95 -10.64
C MET D 89 18.46 3.99 -10.14
N MET D 90 17.60 4.71 -10.87
CA MET D 90 16.15 4.60 -10.70
C MET D 90 15.59 3.88 -11.91
N ILE D 91 15.22 2.62 -11.71
CA ILE D 91 14.78 1.72 -12.76
C ILE D 91 13.27 1.64 -12.76
N LYS D 92 12.63 1.96 -13.87
CA LYS D 92 11.16 1.94 -13.96
C LYS D 92 10.71 0.70 -14.74
N THR D 93 9.89 -0.14 -14.11
CA THR D 93 9.49 -1.42 -14.70
C THR D 93 8.16 -1.94 -14.13
N GLN D 94 7.65 -3.03 -14.72
CA GLN D 94 6.49 -3.72 -14.14
C GLN D 94 6.86 -4.30 -12.78
N SER D 95 5.92 -4.30 -11.86
CA SER D 95 6.16 -4.80 -10.51
C SER D 95 6.37 -6.31 -10.54
N SER D 96 5.68 -6.98 -11.48
CA SER D 96 5.83 -8.42 -11.70
C SER D 96 7.24 -8.83 -12.13
N LEU D 97 7.97 -7.90 -12.73
CA LEU D 97 9.34 -8.17 -13.18
C LEU D 97 10.43 -7.93 -12.13
N VAL D 98 10.07 -7.34 -10.99
CA VAL D 98 11.07 -6.97 -9.99
C VAL D 98 11.92 -8.16 -9.50
N PRO D 99 11.30 -9.32 -9.24
CA PRO D 99 12.11 -10.50 -8.91
C PRO D 99 13.13 -10.88 -10.00
N ALA D 100 12.70 -10.86 -11.26
CA ALA D 100 13.59 -11.15 -12.38
C ALA D 100 14.66 -10.06 -12.56
N LEU D 101 14.28 -8.82 -12.32
CA LEU D 101 15.22 -7.71 -12.37
C LEU D 101 16.29 -7.87 -11.29
N THR D 102 15.86 -8.22 -10.08
CA THR D 102 16.77 -8.39 -8.97
C THR D 102 17.76 -9.55 -9.21
N ASP D 103 17.25 -10.68 -9.69
CA ASP D 103 18.10 -11.83 -10.00
C ASP D 103 19.20 -11.44 -10.97
N PHE D 104 18.82 -10.74 -12.04
CA PHE D 104 19.81 -10.31 -13.01
C PHE D 104 20.85 -9.40 -12.40
N VAL D 105 20.39 -8.41 -11.63
CA VAL D 105 21.29 -7.45 -11.03
C VAL D 105 22.19 -8.17 -10.05
N ARG D 106 21.57 -9.00 -9.21
CA ARG D 106 22.32 -9.87 -8.31
C ARG D 106 23.50 -10.52 -9.05
N SER D 107 23.23 -11.15 -10.18
CA SER D 107 24.25 -11.96 -10.86
C SER D 107 25.46 -11.13 -11.36
N VAL D 108 25.19 -10.02 -12.03
CA VAL D 108 26.27 -9.20 -12.62
C VAL D 108 26.77 -8.03 -11.73
N HIS D 109 26.25 -7.89 -10.52
CA HIS D 109 26.65 -6.76 -9.65
C HIS D 109 27.97 -7.07 -8.93
N PRO D 110 28.86 -6.06 -8.80
CA PRO D 110 30.13 -6.31 -8.12
C PRO D 110 29.93 -6.70 -6.66
N TYR D 111 29.21 -5.87 -5.91
CA TYR D 111 29.04 -6.12 -4.48
C TYR D 111 28.46 -7.49 -4.25
N GLU D 112 28.88 -8.11 -3.16
CA GLU D 112 28.34 -9.40 -2.74
C GLU D 112 26.85 -9.28 -2.50
N VAL D 113 26.45 -8.24 -1.75
CA VAL D 113 25.03 -7.94 -1.49
C VAL D 113 24.62 -6.61 -2.14
N ALA D 114 23.89 -6.71 -3.26
CA ALA D 114 23.46 -5.52 -4.04
C ALA D 114 22.22 -4.88 -3.44
N GLU D 115 22.22 -3.56 -3.37
CA GLU D 115 21.02 -2.81 -3.02
C GLU D 115 20.05 -2.86 -4.18
N VAL D 116 18.90 -3.48 -3.98
CA VAL D 116 17.79 -3.36 -4.91
C VAL D 116 16.52 -3.20 -4.10
N ILE D 117 15.92 -2.01 -4.18
CA ILE D 117 14.67 -1.74 -3.49
C ILE D 117 13.63 -1.19 -4.46
N ALA D 118 12.42 -1.76 -4.41
CA ALA D 118 11.35 -1.42 -5.33
C ALA D 118 10.25 -0.66 -4.62
N LEU D 119 9.89 0.49 -5.17
CA LEU D 119 8.83 1.31 -4.62
C LEU D 119 7.66 1.34 -5.60
N PRO D 120 6.43 1.09 -5.10
CA PRO D 120 5.30 0.93 -6.00
C PRO D 120 4.72 2.27 -6.43
N VAL D 121 4.34 2.35 -7.69
CA VAL D 121 3.75 3.57 -8.23
C VAL D 121 2.23 3.50 -8.07
N GLU D 122 1.68 4.35 -7.21
CA GLU D 122 0.25 4.35 -6.87
C GLU D 122 -0.58 5.06 -7.97
N GLN D 123 -0.07 6.19 -8.47
CA GLN D 123 -0.73 6.97 -9.53
C GLN D 123 0.31 7.49 -10.52
N GLY D 124 -0.16 7.99 -11.66
CA GLY D 124 0.74 8.61 -12.65
C GLY D 124 0.10 8.92 -14.00
N ASN D 125 0.93 9.22 -14.99
CA ASN D 125 0.48 9.46 -16.36
C ASN D 125 0.17 8.13 -17.03
N PHE D 126 -1.12 7.86 -17.24
CA PHE D 126 -1.56 6.54 -17.72
C PHE D 126 -0.87 6.09 -19.01
N PRO D 127 -0.81 6.97 -20.04
CA PRO D 127 -0.05 6.61 -21.23
C PRO D 127 1.36 6.11 -20.93
N TYR D 128 2.08 6.84 -20.08
CA TYR D 128 3.44 6.46 -19.72
C TYR D 128 3.46 5.15 -18.97
N LEU D 129 2.55 4.98 -18.02
CA LEU D 129 2.44 3.74 -17.27
C LEU D 129 2.10 2.56 -18.19
N GLN D 130 1.23 2.80 -19.17
CA GLN D 130 0.92 1.82 -20.21
C GLN D 130 2.16 1.51 -21.07
N TRP D 131 2.94 2.54 -21.39
CA TRP D 131 4.18 2.34 -22.15
C TRP D 131 5.18 1.45 -21.42
N VAL D 132 5.34 1.65 -20.11
CA VAL D 132 6.28 0.85 -19.31
C VAL D 132 5.90 -0.64 -19.37
N ARG D 133 4.60 -0.90 -19.37
CA ARG D 133 4.08 -2.25 -19.52
C ARG D 133 4.31 -2.76 -20.94
N GLN D 134 3.93 -1.96 -21.94
CA GLN D 134 4.06 -2.35 -23.36
C GLN D 134 5.48 -2.81 -23.71
N VAL D 135 6.48 -2.04 -23.33
CA VAL D 135 7.89 -2.35 -23.68
C VAL D 135 8.56 -3.40 -22.80
N THR D 136 7.85 -3.94 -21.81
CA THR D 136 8.41 -5.02 -20.97
C THR D 136 7.63 -6.34 -21.03
N GLU D 137 6.54 -6.40 -21.81
CA GLU D 137 5.76 -7.65 -21.97
C GLU D 137 6.61 -8.70 -22.75
N SER D 138 6.35 -9.99 -22.60
CA SER D 138 7.15 -10.97 -23.40
C SER D 138 6.30 -11.85 -24.32
N TYR E 31 -2.25 12.09 10.59
CA TYR E 31 -1.84 11.90 9.15
C TYR E 31 -2.32 10.57 8.58
N VAL E 32 -3.02 10.65 7.45
CA VAL E 32 -3.50 9.48 6.73
C VAL E 32 -2.40 8.93 5.83
N PRO E 33 -1.96 7.68 6.08
CA PRO E 33 -0.92 7.10 5.24
C PRO E 33 -1.19 7.22 3.76
N GLY E 34 -0.20 7.68 3.01
CA GLY E 34 -0.27 7.77 1.56
C GLY E 34 -1.10 8.90 1.00
N SER E 35 -1.51 9.84 1.85
CA SER E 35 -2.31 10.99 1.41
C SER E 35 -1.42 12.12 0.87
N VAL E 36 -0.13 12.08 1.19
CA VAL E 36 0.86 12.90 0.48
C VAL E 36 1.68 11.97 -0.40
N SER E 37 2.04 12.45 -1.59
CA SER E 37 2.84 11.67 -2.53
C SER E 37 4.07 12.43 -2.97
N ALA E 38 5.09 11.69 -3.40
CA ALA E 38 6.28 12.23 -4.04
C ALA E 38 6.24 11.81 -5.50
N ALA E 39 6.01 12.77 -6.39
CA ALA E 39 5.88 12.50 -7.81
C ALA E 39 7.18 12.78 -8.51
N PHE E 40 7.59 11.88 -9.41
CA PHE E 40 8.83 12.05 -10.16
C PHE E 40 8.55 12.40 -11.59
N VAL E 41 9.16 13.47 -12.08
CA VAL E 41 8.99 13.89 -13.47
C VAL E 41 10.34 14.13 -14.13
N THR E 42 10.54 13.53 -15.30
CA THR E 42 11.78 13.70 -16.05
C THR E 42 11.65 14.82 -17.08
N CYS E 43 12.67 15.68 -17.14
CA CYS E 43 12.71 16.79 -18.10
C CYS E 43 13.97 16.75 -18.94
N PRO E 44 13.90 17.32 -20.17
CA PRO E 44 15.06 17.39 -21.08
C PRO E 44 16.22 18.22 -20.58
N ASN E 45 15.93 19.28 -19.82
CA ASN E 45 16.94 20.21 -19.33
C ASN E 45 16.47 20.98 -18.08
N GLU E 46 17.37 21.78 -17.53
CA GLU E 46 17.10 22.55 -16.34
C GLU E 46 16.07 23.67 -16.55
N LYS E 47 16.15 24.34 -17.71
CA LYS E 47 15.25 25.46 -18.03
C LYS E 47 13.78 25.03 -17.97
N VAL E 48 13.48 23.93 -18.66
CA VAL E 48 12.12 23.38 -18.71
C VAL E 48 11.67 22.92 -17.33
N ALA E 49 12.54 22.19 -16.65
CA ALA E 49 12.23 21.68 -15.30
C ALA E 49 11.88 22.83 -14.35
N LYS E 50 12.66 23.90 -14.38
CA LYS E 50 12.39 25.09 -13.56
C LYS E 50 11.07 25.75 -13.93
N GLU E 51 10.79 25.89 -15.22
CA GLU E 51 9.53 26.49 -15.66
C GLU E 51 8.34 25.70 -15.12
N ILE E 52 8.39 24.39 -15.29
CA ILE E 52 7.32 23.51 -14.80
C ILE E 52 7.25 23.56 -13.29
N ALA E 53 8.40 23.48 -12.63
CA ALA E 53 8.46 23.52 -11.17
C ALA E 53 7.81 24.80 -10.61
N ARG E 54 8.22 25.95 -11.14
CA ARG E 54 7.66 27.23 -10.69
C ARG E 54 6.15 27.27 -10.92
N ALA E 55 5.71 26.78 -12.08
CA ALA E 55 4.28 26.79 -12.43
C ALA E 55 3.43 25.94 -11.46
N VAL E 56 3.82 24.69 -11.20
CA VAL E 56 3.02 23.81 -10.32
C VAL E 56 2.91 24.35 -8.89
N VAL E 57 3.96 25.01 -8.41
CA VAL E 57 3.92 25.65 -7.09
C VAL E 57 3.03 26.87 -7.11
N GLU E 58 3.21 27.72 -8.11
CA GLU E 58 2.39 28.94 -8.28
C GLU E 58 0.90 28.60 -8.43
N LYS E 59 0.61 27.50 -9.12
CA LYS E 59 -0.77 27.01 -9.31
C LYS E 59 -1.28 26.21 -8.11
N ARG E 60 -0.47 26.08 -7.05
CA ARG E 60 -0.86 25.32 -5.83
C ARG E 60 -1.04 23.81 -6.07
N LEU E 61 -0.48 23.28 -7.15
CA LEU E 61 -0.55 21.84 -7.46
C LEU E 61 0.51 21.03 -6.72
N ALA E 62 1.48 21.73 -6.13
CA ALA E 62 2.54 21.10 -5.35
C ALA E 62 3.03 22.03 -4.26
N ALA E 63 3.46 21.44 -3.15
CA ALA E 63 4.00 22.20 -2.01
C ALA E 63 5.41 22.66 -2.32
N CYS E 64 6.20 21.77 -2.91
CA CYS E 64 7.54 22.13 -3.37
C CYS E 64 8.12 21.08 -4.30
N VAL E 65 9.21 21.45 -4.95
CA VAL E 65 9.85 20.61 -5.97
C VAL E 65 11.34 20.59 -5.75
N ASN E 66 11.92 19.39 -5.76
CA ASN E 66 13.36 19.23 -5.75
C ASN E 66 13.82 18.88 -7.15
N LEU E 67 14.84 19.57 -7.64
CA LEU E 67 15.42 19.28 -8.95
C LEU E 67 16.74 18.58 -8.80
N ILE E 68 16.84 17.39 -9.40
CA ILE E 68 18.09 16.63 -9.40
C ILE E 68 18.67 16.69 -10.81
N PRO E 69 19.83 17.37 -10.96
CA PRO E 69 20.38 17.58 -12.30
C PRO E 69 21.41 16.53 -12.66
N GLN E 70 21.99 16.68 -13.87
CA GLN E 70 23.06 15.79 -14.37
C GLN E 70 22.62 14.35 -14.43
N ILE E 71 21.39 14.11 -14.87
CA ILE E 71 20.85 12.76 -14.97
C ILE E 71 21.16 12.20 -16.35
N THR E 72 21.49 10.92 -16.41
CA THR E 72 21.65 10.20 -17.66
C THR E 72 20.49 9.21 -17.78
N SER E 73 19.60 9.41 -18.76
CA SER E 73 18.48 8.48 -19.01
C SER E 73 18.86 7.44 -20.05
N ILE E 74 18.51 6.18 -19.77
CA ILE E 74 18.85 5.07 -20.64
C ILE E 74 17.59 4.27 -21.01
N TYR E 75 17.23 4.31 -22.29
CA TYR E 75 16.02 3.67 -22.80
C TYR E 75 16.26 3.20 -24.24
N GLU E 76 15.35 2.38 -24.78
CA GLU E 76 15.43 1.92 -26.18
C GLU E 76 14.58 2.79 -27.08
N TRP E 77 15.10 3.11 -28.25
CA TRP E 77 14.37 3.92 -29.23
C TRP E 77 14.80 3.52 -30.63
N LYS E 78 13.85 3.08 -31.43
CA LYS E 78 14.10 2.62 -32.80
C LYS E 78 15.13 1.50 -32.84
N GLY E 79 14.99 0.52 -31.93
CA GLY E 79 15.89 -0.63 -31.87
C GLY E 79 17.26 -0.37 -31.22
N LYS E 80 17.66 0.90 -31.12
CA LYS E 80 18.94 1.27 -30.50
C LYS E 80 18.68 1.70 -29.06
N ILE E 81 19.68 1.54 -28.19
CA ILE E 81 19.65 2.04 -26.82
C ILE E 81 20.24 3.45 -26.79
N GLU E 82 19.45 4.42 -26.31
CA GLU E 82 19.87 5.82 -26.29
C GLU E 82 20.27 6.29 -24.89
N GLU E 83 21.11 7.33 -24.84
CA GLU E 83 21.47 8.01 -23.60
C GLU E 83 21.25 9.50 -23.79
N ASP E 84 20.50 10.11 -22.88
CA ASP E 84 20.25 11.56 -22.91
C ASP E 84 20.60 12.22 -21.59
N SER E 85 20.95 13.50 -21.64
CA SER E 85 21.07 14.35 -20.47
C SER E 85 19.66 14.79 -20.10
N GLU E 86 19.30 14.61 -18.83
CA GLU E 86 17.98 14.99 -18.31
C GLU E 86 18.08 15.62 -16.91
N VAL E 87 16.95 16.16 -16.45
CA VAL E 87 16.82 16.66 -15.09
C VAL E 87 15.61 15.99 -14.47
N LEU E 88 15.71 15.61 -13.20
CA LEU E 88 14.65 14.87 -12.54
C LEU E 88 14.00 15.75 -11.47
N MET E 89 12.67 15.80 -11.47
CA MET E 89 11.91 16.54 -10.48
C MET E 89 11.34 15.58 -9.45
N MET E 90 11.53 15.88 -8.17
CA MET E 90 10.79 15.22 -7.11
C MET E 90 9.79 16.22 -6.55
N ILE E 91 8.51 16.02 -6.88
CA ILE E 91 7.44 16.95 -6.56
C ILE E 91 6.67 16.39 -5.39
N LYS E 92 6.56 17.17 -4.32
CA LYS E 92 5.86 16.74 -3.11
C LYS E 92 4.49 17.43 -3.03
N THR E 93 3.42 16.63 -3.00
CA THR E 93 2.06 17.18 -3.03
C THR E 93 1.03 16.23 -2.39
N GLN E 94 -0.20 16.70 -2.26
CA GLN E 94 -1.29 15.82 -1.83
C GLN E 94 -1.52 14.75 -2.90
N SER E 95 -1.89 13.56 -2.45
CA SER E 95 -2.12 12.46 -3.36
C SER E 95 -3.37 12.72 -4.20
N SER E 96 -4.34 13.41 -3.61
CA SER E 96 -5.58 13.80 -4.32
C SER E 96 -5.34 14.75 -5.49
N LEU E 97 -4.22 15.48 -5.46
CA LEU E 97 -3.85 16.40 -6.53
C LEU E 97 -3.04 15.79 -7.67
N VAL E 98 -2.61 14.54 -7.52
CA VAL E 98 -1.74 13.92 -8.52
C VAL E 98 -2.37 13.90 -9.92
N PRO E 99 -3.66 13.56 -10.04
CA PRO E 99 -4.29 13.63 -11.36
C PRO E 99 -4.24 15.05 -11.97
N ALA E 100 -4.52 16.06 -11.16
CA ALA E 100 -4.47 17.44 -11.62
C ALA E 100 -3.04 17.86 -11.96
N LEU E 101 -2.09 17.41 -11.15
CA LEU E 101 -0.67 17.65 -11.40
C LEU E 101 -0.25 17.06 -12.75
N THR E 102 -0.65 15.82 -12.97
CA THR E 102 -0.32 15.11 -14.20
C THR E 102 -0.90 15.79 -15.43
N ASP E 103 -2.17 16.18 -15.37
CA ASP E 103 -2.81 16.89 -16.47
C ASP E 103 -2.04 18.15 -16.82
N PHE E 104 -1.68 18.93 -15.80
CA PHE E 104 -0.94 20.14 -16.07
C PHE E 104 0.39 19.82 -16.75
N VAL E 105 1.13 18.84 -16.21
CA VAL E 105 2.45 18.52 -16.74
C VAL E 105 2.31 18.00 -18.16
N ARG E 106 1.36 17.10 -18.39
CA ARG E 106 1.01 16.67 -19.75
C ARG E 106 0.86 17.91 -20.64
N SER E 107 0.04 18.87 -20.21
CA SER E 107 -0.32 20.01 -21.03
C SER E 107 0.87 20.87 -21.48
N VAL E 108 1.88 21.03 -20.63
CA VAL E 108 3.01 21.95 -20.93
C VAL E 108 4.33 21.26 -21.26
N HIS E 109 4.44 19.97 -20.98
CA HIS E 109 5.70 19.24 -21.17
C HIS E 109 6.03 19.16 -22.65
N PRO E 110 7.34 19.24 -22.99
CA PRO E 110 7.77 19.07 -24.38
C PRO E 110 7.46 17.69 -24.96
N TYR E 111 7.65 16.64 -24.16
CA TYR E 111 7.56 15.25 -24.66
C TYR E 111 6.13 14.91 -25.03
N GLU E 112 5.97 14.01 -25.98
CA GLU E 112 4.62 13.51 -26.29
C GLU E 112 4.08 12.72 -25.09
N VAL E 113 4.90 11.80 -24.56
CA VAL E 113 4.54 11.00 -23.39
C VAL E 113 5.45 11.36 -22.20
N ALA E 114 4.92 12.14 -21.26
CA ALA E 114 5.70 12.61 -20.10
C ALA E 114 5.74 11.56 -18.99
N GLU E 115 6.93 11.34 -18.43
CA GLU E 115 7.06 10.50 -17.23
C GLU E 115 6.49 11.24 -16.02
N VAL E 116 5.41 10.74 -15.45
CA VAL E 116 4.94 11.20 -14.15
C VAL E 116 4.57 9.98 -13.33
N ILE E 117 5.32 9.73 -12.27
CA ILE E 117 5.06 8.60 -11.39
C ILE E 117 5.01 9.07 -9.94
N ALA E 118 3.95 8.67 -9.24
CA ALA E 118 3.70 9.14 -7.90
C ALA E 118 3.90 8.01 -6.90
N LEU E 119 4.69 8.29 -5.87
CA LEU E 119 4.99 7.33 -4.83
C LEU E 119 4.39 7.81 -3.52
N PRO E 120 3.69 6.92 -2.79
CA PRO E 120 2.92 7.35 -1.62
C PRO E 120 3.80 7.45 -0.39
N VAL E 121 3.59 8.47 0.41
CA VAL E 121 4.34 8.64 1.64
C VAL E 121 3.58 7.96 2.78
N GLU E 122 4.15 6.88 3.31
CA GLU E 122 3.50 6.09 4.34
C GLU E 122 3.66 6.76 5.73
N GLN E 123 4.86 7.27 6.02
CA GLN E 123 5.18 7.92 7.30
C GLN E 123 6.04 9.15 7.05
N GLY E 124 6.16 10.01 8.07
CA GLY E 124 7.02 11.19 7.97
C GLY E 124 6.91 12.18 9.12
N ASN E 125 7.49 13.36 8.92
CA ASN E 125 7.38 14.44 9.89
C ASN E 125 6.00 15.10 9.77
N PHE E 126 5.16 14.86 10.76
CA PHE E 126 3.75 15.30 10.68
C PHE E 126 3.60 16.78 10.34
N PRO E 127 4.30 17.68 11.07
CA PRO E 127 4.20 19.10 10.75
C PRO E 127 4.48 19.38 9.27
N TYR E 128 5.50 18.76 8.72
CA TYR E 128 5.83 18.93 7.31
C TYR E 128 4.72 18.38 6.40
N LEU E 129 4.24 17.18 6.73
CA LEU E 129 3.16 16.55 5.98
C LEU E 129 1.88 17.40 6.06
N GLN E 130 1.63 17.98 7.23
CA GLN E 130 0.54 18.93 7.44
C GLN E 130 0.75 20.20 6.60
N TRP E 131 1.98 20.68 6.53
CA TRP E 131 2.32 21.84 5.72
C TRP E 131 2.08 21.63 4.21
N VAL E 132 2.44 20.44 3.72
CA VAL E 132 2.20 20.09 2.30
C VAL E 132 0.72 20.19 1.96
N ARG E 133 -0.14 19.73 2.87
CA ARG E 133 -1.58 19.84 2.73
C ARG E 133 -2.03 21.32 2.82
N GLN E 134 -1.57 22.02 3.86
CA GLN E 134 -1.95 23.41 4.10
C GLN E 134 -1.76 24.29 2.85
N VAL E 135 -0.57 24.21 2.26
CA VAL E 135 -0.23 25.08 1.12
C VAL E 135 -0.76 24.59 -0.24
N THR E 136 -1.50 23.48 -0.28
CA THR E 136 -2.11 22.99 -1.53
C THR E 136 -3.64 22.91 -1.50
N GLU E 137 -4.26 23.26 -0.35
CA GLU E 137 -5.74 23.25 -0.21
C GLU E 137 -6.43 24.30 -1.10
N TYR F 31 10.51 -11.90 3.65
CA TYR F 31 10.41 -10.39 3.73
C TYR F 31 8.98 -9.91 3.79
N VAL F 32 8.65 -9.13 4.83
CA VAL F 32 7.34 -8.53 4.97
C VAL F 32 7.29 -7.24 4.15
N PRO F 33 6.42 -7.20 3.12
CA PRO F 33 6.30 -5.97 2.32
C PRO F 33 6.16 -4.70 3.16
N GLY F 34 6.95 -3.68 2.80
CA GLY F 34 6.87 -2.35 3.42
C GLY F 34 7.46 -2.25 4.82
N SER F 35 8.18 -3.29 5.26
CA SER F 35 8.82 -3.29 6.60
C SER F 35 10.19 -2.59 6.58
N VAL F 36 10.75 -2.42 5.38
CA VAL F 36 11.88 -1.50 5.18
C VAL F 36 11.37 -0.28 4.42
N SER F 37 11.86 0.90 4.78
CA SER F 37 11.47 2.14 4.13
C SER F 37 12.66 2.91 3.62
N ALA F 38 12.43 3.75 2.61
CA ALA F 38 13.40 4.71 2.12
C ALA F 38 12.90 6.10 2.47
N ALA F 39 13.57 6.74 3.41
CA ALA F 39 13.14 8.04 3.90
C ALA F 39 13.93 9.14 3.24
N PHE F 40 13.25 10.20 2.83
CA PHE F 40 13.91 11.33 2.15
C PHE F 40 13.99 12.52 3.05
N VAL F 41 15.18 13.09 3.21
CA VAL F 41 15.38 14.24 4.06
C VAL F 41 16.17 15.31 3.32
N THR F 42 15.64 16.54 3.33
CA THR F 42 16.26 17.66 2.66
C THR F 42 17.13 18.48 3.64
N CYS F 43 18.35 18.80 3.22
CA CYS F 43 19.27 19.61 4.02
C CYS F 43 19.74 20.84 3.25
N PRO F 44 20.12 21.90 3.99
CA PRO F 44 20.63 23.13 3.40
C PRO F 44 21.97 22.99 2.67
N ASN F 45 22.82 22.06 3.11
CA ASN F 45 24.14 21.87 2.48
C ASN F 45 24.73 20.49 2.76
N GLU F 46 25.88 20.22 2.15
CA GLU F 46 26.54 18.92 2.28
C GLU F 46 27.07 18.63 3.70
N LYS F 47 27.61 19.67 4.36
CA LYS F 47 28.16 19.52 5.72
C LYS F 47 27.12 18.99 6.69
N VAL F 48 25.96 19.64 6.71
CA VAL F 48 24.85 19.27 7.58
C VAL F 48 24.35 17.88 7.27
N ALA F 49 24.16 17.61 5.98
CA ALA F 49 23.66 16.32 5.54
C ALA F 49 24.59 15.19 5.99
N LYS F 50 25.89 15.38 5.83
CA LYS F 50 26.89 14.37 6.25
C LYS F 50 26.84 14.16 7.78
N GLU F 51 26.77 15.26 8.54
CA GLU F 51 26.74 15.14 9.98
C GLU F 51 25.51 14.34 10.43
N ILE F 52 24.35 14.65 9.85
CA ILE F 52 23.12 13.91 10.16
C ILE F 52 23.24 12.45 9.72
N ALA F 53 23.75 12.26 8.50
CA ALA F 53 23.90 10.92 7.93
C ALA F 53 24.78 10.05 8.81
N ARG F 54 25.95 10.57 9.17
CA ARG F 54 26.87 9.84 10.05
C ARG F 54 26.20 9.50 11.39
N ALA F 55 25.48 10.46 11.95
CA ALA F 55 24.82 10.27 13.24
C ALA F 55 23.77 9.15 13.21
N VAL F 56 22.86 9.21 12.24
CA VAL F 56 21.77 8.21 12.16
C VAL F 56 22.31 6.78 12.00
N VAL F 57 23.40 6.64 11.26
CA VAL F 57 24.03 5.33 11.09
C VAL F 57 24.71 4.88 12.37
N GLU F 58 25.48 5.79 12.97
CA GLU F 58 26.20 5.53 14.22
C GLU F 58 25.23 5.16 15.33
N LYS F 59 24.08 5.83 15.36
CA LYS F 59 23.04 5.55 16.36
C LYS F 59 22.13 4.36 15.97
N ARG F 60 22.46 3.67 14.87
CA ARG F 60 21.71 2.48 14.41
C ARG F 60 20.25 2.77 13.97
N LEU F 61 19.96 4.04 13.67
CA LEU F 61 18.61 4.44 13.21
C LEU F 61 18.43 4.19 11.72
N ALA F 62 19.52 3.94 11.01
CA ALA F 62 19.49 3.66 9.58
C ALA F 62 20.61 2.72 9.19
N ALA F 63 20.39 1.91 8.17
CA ALA F 63 21.39 0.98 7.67
C ALA F 63 22.41 1.72 6.82
N CYS F 64 21.92 2.65 6.00
CA CYS F 64 22.81 3.52 5.24
C CYS F 64 22.06 4.68 4.62
N VAL F 65 22.82 5.63 4.11
CA VAL F 65 22.27 6.86 3.57
C VAL F 65 22.94 7.19 2.26
N ASN F 66 22.14 7.54 1.25
CA ASN F 66 22.67 8.09 0.00
C ASN F 66 22.45 9.60 -0.02
N LEU F 67 23.50 10.35 -0.37
CA LEU F 67 23.41 11.80 -0.48
C LEU F 67 23.37 12.21 -1.92
N ILE F 68 22.33 12.93 -2.28
CA ILE F 68 22.20 13.43 -3.64
C ILE F 68 22.41 14.96 -3.59
N PRO F 69 23.53 15.45 -4.13
CA PRO F 69 23.88 16.87 -4.04
C PRO F 69 23.37 17.69 -5.23
N GLN F 70 23.68 18.99 -5.19
CA GLN F 70 23.36 19.93 -6.28
C GLN F 70 21.86 19.98 -6.57
N ILE F 71 21.06 20.00 -5.52
CA ILE F 71 19.62 20.04 -5.65
C ILE F 71 19.13 21.47 -5.60
N THR F 72 18.16 21.79 -6.44
CA THR F 72 17.51 23.08 -6.37
C THR F 72 16.09 22.87 -5.88
N SER F 73 15.76 23.46 -4.72
CA SER F 73 14.42 23.34 -4.15
C SER F 73 13.58 24.56 -4.51
N ILE F 74 12.33 24.31 -4.89
CA ILE F 74 11.43 25.37 -5.31
C ILE F 74 10.14 25.33 -4.52
N TYR F 75 9.91 26.39 -3.74
CA TYR F 75 8.76 26.47 -2.84
C TYR F 75 8.31 27.93 -2.74
N GLU F 76 7.05 28.14 -2.32
CA GLU F 76 6.52 29.52 -2.15
C GLU F 76 6.63 29.98 -0.71
N TRP F 77 7.15 31.20 -0.56
CA TRP F 77 7.41 31.80 0.73
C TRP F 77 6.87 33.21 0.70
N LYS F 78 6.07 33.55 1.71
CA LYS F 78 5.63 34.94 1.92
C LYS F 78 5.23 35.62 0.59
N GLY F 79 4.39 34.93 -0.20
CA GLY F 79 3.93 35.45 -1.50
C GLY F 79 4.79 35.04 -2.69
N LYS F 80 6.13 35.14 -2.55
CA LYS F 80 7.07 34.87 -3.66
C LYS F 80 7.59 33.41 -3.67
N ILE F 81 8.06 32.99 -4.84
CA ILE F 81 8.63 31.65 -5.05
C ILE F 81 10.16 31.69 -4.92
N GLU F 82 10.70 30.86 -4.02
CA GLU F 82 12.12 30.86 -3.71
C GLU F 82 12.83 29.65 -4.34
N GLU F 83 14.13 29.82 -4.62
CA GLU F 83 15.01 28.75 -5.08
C GLU F 83 16.22 28.70 -4.18
N ASP F 84 16.50 27.52 -3.62
CA ASP F 84 17.69 27.34 -2.79
C ASP F 84 18.49 26.13 -3.21
N SER F 85 19.79 26.17 -2.92
CA SER F 85 20.63 25.00 -3.07
C SER F 85 20.40 24.11 -1.86
N GLU F 86 20.21 22.81 -2.12
CA GLU F 86 19.98 21.83 -1.06
C GLU F 86 20.66 20.50 -1.38
N VAL F 87 20.69 19.63 -0.39
CA VAL F 87 21.19 18.27 -0.54
C VAL F 87 20.10 17.33 -0.07
N LEU F 88 19.91 16.23 -0.79
CA LEU F 88 18.85 15.28 -0.45
C LEU F 88 19.43 13.97 0.07
N MET F 89 18.88 13.50 1.17
CA MET F 89 19.28 12.22 1.73
C MET F 89 18.25 11.19 1.39
N MET F 90 18.69 10.04 0.92
CA MET F 90 17.84 8.85 0.86
C MET F 90 18.31 7.87 1.93
N ILE F 91 17.54 7.75 2.99
CA ILE F 91 17.92 6.98 4.15
C ILE F 91 17.17 5.67 4.13
N LYS F 92 17.89 4.56 4.17
CA LYS F 92 17.29 3.24 4.10
C LYS F 92 17.30 2.59 5.48
N THR F 93 16.12 2.26 6.01
CA THR F 93 15.98 1.75 7.39
C THR F 93 14.72 0.89 7.58
N GLN F 94 14.57 0.28 8.75
CA GLN F 94 13.33 -0.42 9.10
C GLN F 94 12.21 0.61 9.17
N SER F 95 11.01 0.18 8.80
CA SER F 95 9.86 1.07 8.85
C SER F 95 9.49 1.38 10.29
N SER F 96 9.67 0.40 11.18
CA SER F 96 9.39 0.58 12.62
C SER F 96 10.28 1.66 13.26
N LEU F 97 11.43 1.94 12.65
CA LEU F 97 12.34 2.96 13.15
C LEU F 97 12.08 4.38 12.63
N VAL F 98 11.18 4.53 11.66
CA VAL F 98 10.97 5.84 11.05
C VAL F 98 10.57 6.92 12.07
N PRO F 99 9.65 6.60 13.00
CA PRO F 99 9.34 7.59 14.04
C PRO F 99 10.57 8.03 14.83
N ALA F 100 11.40 7.08 15.24
CA ALA F 100 12.64 7.38 15.98
C ALA F 100 13.62 8.17 15.13
N LEU F 101 13.72 7.81 13.85
CA LEU F 101 14.56 8.52 12.90
C LEU F 101 14.12 9.96 12.76
N THR F 102 12.81 10.15 12.64
CA THR F 102 12.23 11.48 12.49
C THR F 102 12.51 12.34 13.72
N ASP F 103 12.27 11.79 14.90
CA ASP F 103 12.53 12.52 16.15
C ASP F 103 13.97 13.00 16.21
N PHE F 104 14.91 12.11 15.89
CA PHE F 104 16.30 12.48 15.89
C PHE F 104 16.58 13.61 14.91
N VAL F 105 16.07 13.48 13.68
CA VAL F 105 16.29 14.50 12.68
C VAL F 105 15.73 15.85 13.16
N ARG F 106 14.58 15.82 13.88
CA ARG F 106 13.97 17.05 14.47
C ARG F 106 14.90 17.77 15.44
N SER F 107 15.46 17.06 16.42
CA SER F 107 16.61 17.61 17.15
C SER F 107 17.76 17.60 16.15
N VAL F 108 18.74 18.48 16.31
CA VAL F 108 19.75 18.73 15.25
C VAL F 108 19.20 19.77 14.23
N HIS F 109 17.87 19.93 14.19
CA HIS F 109 17.19 21.15 13.62
C HIS F 109 17.83 21.75 12.33
N PRO F 110 17.89 20.96 11.25
CA PRO F 110 18.28 21.55 9.97
C PRO F 110 17.42 22.79 9.61
N TYR F 111 16.09 22.68 9.81
CA TYR F 111 15.11 23.79 9.69
C TYR F 111 14.12 23.72 10.88
N GLU F 112 13.25 24.74 11.05
CA GLU F 112 12.17 24.64 12.07
C GLU F 112 11.31 23.41 11.78
N VAL F 113 10.88 23.29 10.53
CA VAL F 113 10.09 22.14 10.07
C VAL F 113 10.89 21.34 9.03
N ALA F 114 11.43 20.20 9.47
CA ALA F 114 12.27 19.34 8.62
C ALA F 114 11.44 18.44 7.70
N GLU F 115 11.82 18.37 6.42
CA GLU F 115 11.22 17.41 5.49
C GLU F 115 11.72 16.02 5.81
N VAL F 116 10.83 15.16 6.28
CA VAL F 116 11.13 13.73 6.39
C VAL F 116 9.93 12.98 5.86
N ILE F 117 10.12 12.26 4.75
CA ILE F 117 9.06 11.45 4.17
C ILE F 117 9.58 10.04 3.92
N ALA F 118 8.80 9.06 4.34
CA ALA F 118 9.20 7.67 4.25
C ALA F 118 8.34 6.93 3.23
N LEU F 119 9.01 6.23 2.32
CA LEU F 119 8.36 5.48 1.28
C LEU F 119 8.62 3.98 1.48
N PRO F 120 7.57 3.16 1.41
CA PRO F 120 7.71 1.76 1.78
C PRO F 120 8.27 0.93 0.65
N VAL F 121 9.15 -0.01 0.99
CA VAL F 121 9.73 -0.90 0.01
C VAL F 121 8.89 -2.15 -0.08
N GLU F 122 8.22 -2.33 -1.21
CA GLU F 122 7.28 -3.45 -1.43
C GLU F 122 8.04 -4.74 -1.74
N GLN F 123 9.06 -4.64 -2.60
CA GLN F 123 9.90 -5.78 -3.01
C GLN F 123 11.37 -5.35 -3.11
N GLY F 124 12.27 -6.33 -3.23
CA GLY F 124 13.69 -6.06 -3.42
C GLY F 124 14.60 -7.28 -3.27
N ASN F 125 15.90 -7.00 -3.13
CA ASN F 125 16.91 -8.04 -2.89
C ASN F 125 16.85 -8.51 -1.45
N PHE F 126 16.33 -9.71 -1.21
CA PHE F 126 16.08 -10.18 0.15
C PHE F 126 17.31 -10.09 1.07
N PRO F 127 18.44 -10.66 0.65
CA PRO F 127 19.66 -10.48 1.42
C PRO F 127 19.88 -9.04 1.90
N TYR F 128 19.79 -8.08 0.98
CA TYR F 128 19.99 -6.66 1.31
C TYR F 128 18.93 -6.18 2.28
N LEU F 129 17.69 -6.53 2.02
CA LEU F 129 16.59 -6.17 2.90
C LEU F 129 16.78 -6.78 4.31
N GLN F 130 17.26 -8.02 4.37
CA GLN F 130 17.61 -8.66 5.63
C GLN F 130 18.80 -7.96 6.31
N TRP F 131 19.77 -7.51 5.52
CA TRP F 131 20.90 -6.74 6.04
C TRP F 131 20.46 -5.44 6.70
N VAL F 132 19.54 -4.71 6.06
CA VAL F 132 19.03 -3.44 6.63
C VAL F 132 18.40 -3.67 7.99
N ARG F 133 17.69 -4.78 8.15
CA ARG F 133 17.12 -5.17 9.45
C ARG F 133 18.23 -5.56 10.44
N GLN F 134 19.13 -6.43 10.01
CA GLN F 134 20.19 -6.95 10.89
C GLN F 134 21.04 -5.82 11.54
N VAL F 135 21.45 -4.84 10.74
CA VAL F 135 22.28 -3.73 11.26
C VAL F 135 21.49 -2.60 11.98
N THR F 136 20.17 -2.73 12.10
CA THR F 136 19.38 -1.73 12.86
C THR F 136 18.60 -2.31 14.06
N GLU F 137 18.72 -3.62 14.30
CA GLU F 137 18.06 -4.27 15.45
C GLU F 137 18.64 -3.80 16.80
NA NA G . 3.18 -2.80 4.76
NA NA H . -16.61 -14.54 27.60
NA NA I . -0.24 -3.32 -5.34
#